data_9C0F
#
_entry.id   9C0F
#
_cell.length_a   1.00
_cell.length_b   1.00
_cell.length_c   1.00
_cell.angle_alpha   90.00
_cell.angle_beta   90.00
_cell.angle_gamma   90.00
#
_symmetry.space_group_name_H-M   'P 1'
#
loop_
_entity.id
_entity.type
_entity.pdbx_description
1 polymer 'DNA (35-MER)'
2 polymer 'DNA (35-MER)'
3 polymer 'piggyBat transposase'
4 non-polymer 'ZINC ION'
#
loop_
_entity_poly.entity_id
_entity_poly.type
_entity_poly.pdbx_seq_one_letter_code
_entity_poly.pdbx_strand_id
1 'polydeoxyribonucleotide'
;(DC)(DA)(DC)(DT)(DT)(DG)(DG)(DA)(DT)(DT)(DG)(DC)(DG)(DG)(DG)(DA)(DA)(DA)(DC)(DG)
(DA)(DG)(DT)(DT)(DA)(DA)(DG)(DT)(DC)(DG)(DG)(DC)(DT)(DC)(DG)
;
A
2 'polydeoxyribonucleotide'
;(DC)(DG)(DA)(DG)(DC)(DC)(DG)(DA)(DC)(DT)(DT)(DA)(DA)(DC)(DT)(DC)(DG)(DT)(DT)(DT)
(DC)(DC)(DC)(DG)(DC)(DA)(DA)(DT)(DC)(DC)(DA)(DA)(DG)(DT)(DG)
;
B
3 'polypeptide(L)'
;GGGGSGMAQHSDYSDDEFCADKLSNYSCDSDLENASTSDEDSSDDEVMVRPRTLRRRRISSSSSDSESDIEGGREEWSHV
DNPPVLEDFLGHQGLNTDAVINNIEDAVKLFIGDDFFEFLVEESNRYYNQNRNNFKLSKKSLKWKDITPQEMKKFLGLIV
LMGQVRKDRRDDYWTTEPWTETPYFGKTMTRDRFRQIWKAWHFNNNADIVNESDRLCKVRPVLDYFVPKFINIYKPHQQL
SLDEGIVPWRGRLFFRVYNAGKIVKYGILVRLLCESDTGYICNMEIYCGEGKRLLETIQTVVSPYTDSWYHIYMDNYYNS
VANCEALMKNKFRICGTIRKNRGIPKDFQTISLKKGETKFIRKNDILLQVWQSKKPVYLISSIHSAEMEESQNIDRTSKK
KIVKPNALIDYNKHMKGVDRADQYLSYYSILRRTVKWTKRLAMYMINCALFNSYAVYKSVRQRKMGFKMFLKQTAIHWLT
DDIPEDMDIVPDLQPVPSTSGMRAKPPTSDPPCRLSMDMRKHTLQAIVGSGKKKNILRRCRVCSVHKLRSETRYMCKFCN
IPLHKGACFEKYHTLKNY
;
C,D
#
# COMPACT_ATOMS: atom_id res chain seq x y z
N PRO C 84 -48.72 -1.18 3.97
CA PRO C 84 -49.52 -0.45 4.95
C PRO C 84 -49.06 -0.76 6.41
N VAL C 85 -48.08 0.03 6.94
CA VAL C 85 -47.58 -0.11 8.33
C VAL C 85 -48.25 0.89 9.21
N LEU C 86 -49.15 0.40 10.00
CA LEU C 86 -49.99 1.28 10.77
C LEU C 86 -49.56 1.45 12.22
N GLU C 87 -48.48 0.80 12.62
CA GLU C 87 -48.06 0.83 14.01
C GLU C 87 -46.92 1.78 14.32
N ASP C 88 -46.51 2.61 13.37
CA ASP C 88 -45.40 3.53 13.54
C ASP C 88 -44.12 2.80 13.97
N PHE C 89 -43.52 3.23 15.10
CA PHE C 89 -42.30 2.64 15.61
C PHE C 89 -42.20 2.80 17.12
N LEU C 90 -41.93 1.74 17.86
CA LEU C 90 -41.89 1.88 19.30
C LEU C 90 -40.52 1.95 19.93
N GLY C 91 -39.50 2.13 19.14
CA GLY C 91 -38.16 2.17 19.70
C GLY C 91 -37.72 3.58 20.09
N HIS C 92 -36.44 3.68 20.39
CA HIS C 92 -35.78 4.90 20.83
C HIS C 92 -34.54 5.00 20.04
N GLN C 93 -34.00 6.18 19.87
CA GLN C 93 -32.81 6.22 19.07
C GLN C 93 -31.67 6.88 19.75
N GLY C 94 -30.47 6.46 19.39
CA GLY C 94 -29.27 7.10 19.86
C GLY C 94 -28.80 6.48 21.14
N LEU C 95 -28.05 7.23 21.91
CA LEU C 95 -27.48 6.68 23.11
C LEU C 95 -28.51 6.25 24.10
N ASN C 96 -28.27 5.10 24.70
CA ASN C 96 -29.09 4.62 25.79
C ASN C 96 -28.35 4.83 27.10
N THR C 97 -27.21 5.49 27.02
CA THR C 97 -26.38 5.71 28.20
C THR C 97 -25.80 7.10 28.36
N ASP C 98 -25.14 7.30 29.50
CA ASP C 98 -24.51 8.59 29.81
C ASP C 98 -23.12 8.67 29.22
N ALA C 99 -23.08 8.75 27.91
CA ALA C 99 -21.83 8.83 27.21
C ALA C 99 -21.48 10.26 27.01
N VAL C 100 -20.42 10.68 27.61
CA VAL C 100 -20.17 12.08 27.48
C VAL C 100 -19.41 12.28 26.23
N ILE C 101 -20.12 12.53 25.19
CA ILE C 101 -19.40 12.64 23.97
C ILE C 101 -18.97 14.06 23.72
N ASN C 102 -17.82 14.38 24.23
CA ASN C 102 -17.23 15.68 24.01
C ASN C 102 -15.77 15.56 23.63
N ASN C 103 -15.31 14.33 23.48
CA ASN C 103 -13.94 14.01 23.15
C ASN C 103 -13.89 12.58 22.60
N ILE C 104 -12.71 12.09 22.27
CA ILE C 104 -12.57 10.73 21.79
C ILE C 104 -12.51 9.75 22.94
N GLU C 105 -11.81 10.08 24.00
CA GLU C 105 -11.60 9.16 25.08
C GLU C 105 -12.87 8.66 25.72
N ASP C 106 -13.84 9.51 25.83
CA ASP C 106 -15.06 9.11 26.48
C ASP C 106 -16.01 8.42 25.54
N ALA C 107 -15.65 8.32 24.26
CA ALA C 107 -16.46 7.61 23.30
C ALA C 107 -16.00 6.17 23.24
N VAL C 108 -14.70 5.97 23.43
CA VAL C 108 -14.07 4.67 23.33
C VAL C 108 -14.20 3.83 24.56
N LYS C 109 -14.08 4.44 25.72
CA LYS C 109 -14.07 3.72 27.00
C LYS C 109 -15.35 2.96 27.27
N LEU C 110 -16.41 3.30 26.58
CA LEU C 110 -17.67 2.64 26.72
C LEU C 110 -17.58 1.22 26.24
N PHE C 111 -16.74 0.97 25.24
CA PHE C 111 -16.67 -0.36 24.66
C PHE C 111 -15.37 -1.10 25.03
N ILE C 112 -14.27 -0.37 25.16
CA ILE C 112 -12.96 -0.95 25.44
C ILE C 112 -12.36 -0.25 26.63
N GLY C 113 -11.88 -0.98 27.61
CA GLY C 113 -11.31 -0.26 28.76
C GLY C 113 -10.43 -1.12 29.66
N ASP C 114 -10.10 -0.59 30.83
CA ASP C 114 -9.14 -1.24 31.73
C ASP C 114 -9.52 -2.66 32.15
N ASP C 115 -10.78 -3.00 32.29
CA ASP C 115 -11.12 -4.35 32.68
C ASP C 115 -10.87 -5.36 31.55
N PHE C 116 -10.78 -4.85 30.31
CA PHE C 116 -10.50 -5.66 29.15
C PHE C 116 -9.08 -6.07 29.24
N PHE C 117 -8.26 -5.11 29.61
CA PHE C 117 -6.88 -5.40 29.74
C PHE C 117 -6.66 -6.29 30.93
N GLU C 118 -7.43 -6.14 32.00
CA GLU C 118 -7.19 -7.03 33.11
C GLU C 118 -7.44 -8.45 32.67
N PHE C 119 -8.46 -8.66 31.84
CA PHE C 119 -8.68 -9.97 31.28
C PHE C 119 -7.48 -10.47 30.49
N LEU C 120 -6.96 -9.65 29.58
CA LEU C 120 -5.85 -10.13 28.78
C LEU C 120 -4.59 -10.41 29.60
N VAL C 121 -4.31 -9.61 30.61
CA VAL C 121 -3.12 -9.85 31.40
C VAL C 121 -3.23 -11.12 32.20
N GLU C 122 -4.37 -11.35 32.83
CA GLU C 122 -4.46 -12.52 33.66
C GLU C 122 -4.27 -13.76 32.86
N GLU C 123 -4.85 -13.80 31.67
CA GLU C 123 -4.69 -15.00 30.91
C GLU C 123 -3.31 -15.12 30.35
N SER C 124 -2.68 -14.00 29.99
CA SER C 124 -1.35 -14.05 29.40
C SER C 124 -0.31 -14.57 30.38
N ASN C 125 -0.41 -14.18 31.65
CA ASN C 125 0.56 -14.66 32.61
C ASN C 125 0.31 -16.12 32.93
N ARG C 126 -0.94 -16.54 32.98
CA ARG C 126 -1.16 -17.94 33.25
C ARG C 126 -0.72 -18.78 32.12
N TYR C 127 -0.99 -18.36 30.90
CA TYR C 127 -0.63 -19.16 29.77
C TYR C 127 0.83 -19.43 29.68
N TYR C 128 1.63 -18.40 29.82
CA TYR C 128 3.06 -18.59 29.71
C TYR C 128 3.65 -19.50 30.79
N ASN C 129 3.32 -19.27 32.05
CA ASN C 129 3.95 -20.06 33.07
C ASN C 129 3.46 -21.49 33.11
N GLN C 130 2.23 -21.69 32.72
CA GLN C 130 1.66 -23.01 32.76
C GLN C 130 2.28 -23.88 31.69
N ASN C 131 2.97 -23.26 30.77
CA ASN C 131 3.61 -23.93 29.68
C ASN C 131 5.03 -23.51 29.69
N ARG C 132 5.59 -23.33 30.90
CA ARG C 132 6.97 -22.87 31.11
C ARG C 132 8.08 -23.71 30.51
N ASN C 133 7.89 -25.00 30.41
CA ASN C 133 9.00 -25.75 29.87
C ASN C 133 8.94 -25.68 28.38
N ASN C 134 9.90 -26.31 27.75
CA ASN C 134 10.02 -26.38 26.31
C ASN C 134 10.14 -25.05 25.60
N PHE C 135 10.84 -24.08 26.20
CA PHE C 135 11.06 -22.80 25.52
C PHE C 135 12.43 -22.61 24.97
N LYS C 136 13.43 -23.34 25.50
CA LYS C 136 14.80 -23.13 25.05
C LYS C 136 15.19 -21.66 25.09
N LEU C 137 14.92 -20.97 26.20
CA LEU C 137 15.23 -19.56 26.23
C LEU C 137 16.72 -19.41 26.09
N SER C 138 17.12 -18.48 25.24
CA SER C 138 18.52 -18.26 24.99
C SER C 138 19.14 -17.52 26.15
N LYS C 139 20.46 -17.55 26.21
CA LYS C 139 21.23 -16.91 27.28
C LYS C 139 21.21 -15.40 27.38
N LYS C 140 21.13 -14.69 26.26
CA LYS C 140 21.25 -13.24 26.33
C LYS C 140 19.97 -12.44 26.18
N SER C 141 18.82 -13.08 26.14
CA SER C 141 17.57 -12.36 25.99
C SER C 141 17.11 -11.92 27.35
N LEU C 142 16.15 -11.05 27.41
CA LEU C 142 15.75 -10.68 28.72
C LEU C 142 15.03 -11.79 29.38
N LYS C 143 15.10 -11.78 30.68
CA LYS C 143 14.41 -12.75 31.50
C LYS C 143 12.96 -12.39 31.61
N TRP C 144 12.13 -13.39 31.70
CA TRP C 144 10.72 -13.15 31.82
C TRP C 144 10.32 -12.44 33.06
N LYS C 145 9.45 -11.48 32.86
CA LYS C 145 8.79 -10.75 33.91
C LYS C 145 7.34 -10.76 33.54
N ASP C 146 6.49 -10.88 34.52
CA ASP C 146 5.08 -10.92 34.25
C ASP C 146 4.62 -9.62 33.69
N ILE C 147 3.56 -9.71 32.91
CA ILE C 147 2.93 -8.61 32.23
C ILE C 147 2.02 -7.84 33.17
N THR C 148 2.10 -6.52 33.11
CA THR C 148 1.26 -5.67 33.91
C THR C 148 0.39 -4.85 32.95
N PRO C 149 -0.69 -4.23 33.40
CA PRO C 149 -1.65 -3.50 32.60
C PRO C 149 -1.14 -2.43 31.67
N GLN C 150 -0.10 -1.72 32.05
CA GLN C 150 0.34 -0.68 31.15
C GLN C 150 0.96 -1.25 29.93
N GLU C 151 1.58 -2.40 30.06
CA GLU C 151 2.22 -2.92 28.92
C GLU C 151 1.17 -3.36 27.97
N MET C 152 0.06 -3.90 28.48
CA MET C 152 -0.94 -4.27 27.51
C MET C 152 -1.60 -3.07 26.87
N LYS C 153 -1.69 -1.95 27.57
CA LYS C 153 -2.24 -0.80 26.88
C LYS C 153 -1.28 -0.35 25.79
N LYS C 154 0.02 -0.40 26.09
CA LYS C 154 0.97 -0.03 25.08
C LYS C 154 0.94 -0.97 23.95
N PHE C 155 0.73 -2.22 24.25
CA PHE C 155 0.72 -3.23 23.25
C PHE C 155 -0.31 -2.91 22.21
N LEU C 156 -1.55 -2.62 22.62
CA LEU C 156 -2.50 -2.35 21.57
C LEU C 156 -2.22 -1.02 20.92
N GLY C 157 -1.76 -0.05 21.68
CA GLY C 157 -1.59 1.25 21.07
C GLY C 157 -0.61 1.17 19.93
N LEU C 158 0.43 0.37 20.08
CA LEU C 158 1.37 0.28 19.03
C LEU C 158 0.79 -0.45 17.84
N ILE C 159 -0.03 -1.45 18.07
CA ILE C 159 -0.55 -2.17 16.95
C ILE C 159 -1.44 -1.26 16.15
N VAL C 160 -2.25 -0.45 16.82
CA VAL C 160 -3.12 0.45 16.08
C VAL C 160 -2.30 1.44 15.29
N LEU C 161 -1.20 1.97 15.84
CA LEU C 161 -0.39 2.92 15.09
C LEU C 161 0.19 2.30 13.87
N MET C 162 0.39 1.00 13.87
CA MET C 162 0.94 0.39 12.69
C MET C 162 -0.01 0.52 11.52
N GLY C 163 -1.26 0.89 11.76
CA GLY C 163 -2.21 1.10 10.68
C GLY C 163 -2.12 2.53 10.09
N GLN C 164 -1.39 3.42 10.77
CA GLN C 164 -1.24 4.78 10.30
C GLN C 164 0.03 4.85 9.56
N VAL C 165 0.98 4.08 10.02
CA VAL C 165 2.23 4.01 9.34
C VAL C 165 2.44 2.60 9.03
N ARG C 166 2.32 2.23 7.80
CA ARG C 166 2.43 0.84 7.53
C ARG C 166 3.80 0.42 7.12
N LYS C 167 4.27 -0.66 7.71
CA LYS C 167 5.50 -1.28 7.32
C LYS C 167 5.17 -2.75 7.09
N ASP C 168 5.98 -3.46 6.31
CA ASP C 168 5.63 -4.84 5.93
C ASP C 168 6.07 -6.01 6.78
N ARG C 169 6.79 -5.80 7.84
CA ARG C 169 7.15 -6.91 8.68
C ARG C 169 6.94 -6.52 10.10
N ARG C 170 6.51 -7.44 10.90
CA ARG C 170 6.26 -7.07 12.29
C ARG C 170 7.44 -6.56 13.01
N ASP C 171 8.61 -7.07 12.71
CA ASP C 171 9.77 -6.63 13.45
C ASP C 171 10.53 -5.50 12.81
N ASP C 172 10.05 -4.95 11.71
CA ASP C 172 10.81 -3.89 11.11
C ASP C 172 10.48 -2.57 11.71
N TYR C 173 9.55 -2.56 12.62
CA TYR C 173 9.17 -1.35 13.25
C TYR C 173 10.25 -0.97 14.22
N TRP C 174 11.12 -1.90 14.52
CA TRP C 174 12.18 -1.64 15.43
C TRP C 174 13.49 -1.41 14.73
N THR C 175 13.47 -1.23 13.44
CA THR C 175 14.72 -1.06 12.75
C THR C 175 15.46 0.15 13.17
N THR C 176 16.78 0.04 13.12
CA THR C 176 17.64 1.16 13.45
C THR C 176 18.21 1.81 12.23
N GLU C 177 17.84 1.35 11.06
CA GLU C 177 18.37 1.99 9.89
C GLU C 177 17.75 3.36 9.81
N PRO C 178 18.55 4.43 9.66
CA PRO C 178 18.12 5.81 9.72
C PRO C 178 17.12 6.29 8.67
N TRP C 179 17.02 5.63 7.52
CA TRP C 179 16.10 6.13 6.52
C TRP C 179 14.65 5.67 6.54
N THR C 180 14.33 4.64 7.30
CA THR C 180 12.96 4.19 7.38
C THR C 180 12.61 4.02 8.80
N GLU C 181 13.32 4.72 9.62
CA GLU C 181 13.18 4.63 11.03
C GLU C 181 11.92 5.27 11.51
N THR C 182 11.29 4.64 12.46
CA THR C 182 10.12 5.15 13.14
C THR C 182 10.39 5.01 14.60
N PRO C 183 11.18 5.90 15.19
CA PRO C 183 11.77 5.86 16.51
C PRO C 183 10.80 5.74 17.64
N TYR C 184 9.58 6.11 17.41
CA TYR C 184 8.61 6.06 18.45
C TYR C 184 8.45 4.64 18.98
N PHE C 185 8.49 3.65 18.12
CA PHE C 185 8.23 2.31 18.59
C PHE C 185 9.35 1.86 19.49
N GLY C 186 10.55 2.21 19.09
CA GLY C 186 11.75 1.82 19.79
C GLY C 186 11.79 2.36 21.19
N LYS C 187 11.16 3.51 21.38
CA LYS C 187 11.14 4.11 22.67
C LYS C 187 9.99 3.69 23.53
N THR C 188 9.09 2.87 23.03
CA THR C 188 7.95 2.50 23.82
C THR C 188 8.22 1.19 24.56
N MET C 189 8.76 0.22 23.84
CA MET C 189 9.16 -1.07 24.41
C MET C 189 10.14 -1.71 23.46
N THR C 190 10.93 -2.65 23.94
CA THR C 190 11.91 -3.26 23.07
C THR C 190 11.37 -4.37 22.22
N ARG C 191 12.15 -4.77 21.21
CA ARG C 191 11.68 -5.78 20.29
C ARG C 191 11.40 -7.08 20.95
N ASP C 192 12.28 -7.47 21.82
CA ASP C 192 12.11 -8.76 22.40
C ASP C 192 11.01 -8.72 23.39
N ARG C 193 10.76 -7.58 24.00
CA ARG C 193 9.69 -7.58 24.94
C ARG C 193 8.42 -7.74 24.20
N PHE C 194 8.33 -7.13 23.04
CA PHE C 194 7.13 -7.24 22.24
C PHE C 194 6.93 -8.70 21.85
N ARG C 195 7.98 -9.39 21.40
CA ARG C 195 7.79 -10.79 21.05
C ARG C 195 7.39 -11.63 22.24
N GLN C 196 7.93 -11.38 23.42
CA GLN C 196 7.52 -12.18 24.56
C GLN C 196 6.07 -11.93 24.93
N ILE C 197 5.57 -10.70 24.80
CA ILE C 197 4.18 -10.46 25.11
C ILE C 197 3.32 -11.06 24.05
N TRP C 198 3.70 -10.90 22.81
CA TRP C 198 2.90 -11.45 21.73
C TRP C 198 2.59 -12.91 21.93
N LYS C 199 3.59 -13.68 22.27
CA LYS C 199 3.45 -15.09 22.48
C LYS C 199 2.45 -15.41 23.54
N ALA C 200 2.36 -14.57 24.53
CA ALA C 200 1.54 -14.78 25.68
C ALA C 200 0.18 -14.17 25.53
N TRP C 201 -0.13 -13.57 24.41
CA TRP C 201 -1.42 -12.92 24.33
C TRP C 201 -2.43 -13.99 24.09
N HIS C 202 -2.92 -14.49 25.21
CA HIS C 202 -3.79 -15.63 25.30
C HIS C 202 -5.18 -15.30 25.80
N PHE C 203 -6.17 -16.07 25.37
CA PHE C 203 -7.55 -15.76 25.73
C PHE C 203 -8.29 -16.72 26.67
N ASN C 204 -7.74 -17.88 27.00
CA ASN C 204 -8.50 -18.85 27.79
C ASN C 204 -7.69 -19.76 28.72
N ASN C 205 -8.29 -20.20 29.81
CA ASN C 205 -7.60 -21.10 30.72
C ASN C 205 -7.81 -22.55 30.36
N ASN C 206 -7.26 -22.97 29.24
CA ASN C 206 -7.54 -24.32 28.74
C ASN C 206 -6.88 -25.35 29.58
N ALA C 207 -5.92 -24.92 30.35
CA ALA C 207 -5.23 -25.79 31.23
C ALA C 207 -6.13 -26.17 32.39
N ASP C 208 -7.00 -25.23 32.79
CA ASP C 208 -7.83 -25.44 33.95
C ASP C 208 -9.18 -26.04 33.56
N ILE C 209 -9.68 -25.64 32.41
CA ILE C 209 -10.94 -26.17 31.92
C ILE C 209 -10.67 -26.88 30.62
N VAL C 210 -10.89 -28.16 30.62
CA VAL C 210 -10.54 -28.97 29.48
C VAL C 210 -11.75 -29.53 28.77
N ASN C 211 -12.92 -29.06 29.13
CA ASN C 211 -14.12 -29.60 28.54
C ASN C 211 -14.40 -28.91 27.23
N GLU C 212 -13.50 -29.14 26.28
CA GLU C 212 -13.53 -28.44 25.01
C GLU C 212 -14.42 -29.11 23.98
N SER C 213 -15.71 -29.11 24.27
CA SER C 213 -16.67 -29.71 23.33
C SER C 213 -17.00 -28.71 22.23
N ASP C 214 -16.75 -27.46 22.56
CA ASP C 214 -16.97 -26.28 21.79
C ASP C 214 -15.72 -25.84 21.03
N ARG C 215 -15.75 -25.86 19.70
CA ARG C 215 -14.57 -25.49 18.90
C ARG C 215 -14.18 -24.04 19.13
N LEU C 216 -15.11 -23.25 19.64
CA LEU C 216 -14.87 -21.86 19.87
C LEU C 216 -14.68 -21.57 21.33
N CYS C 217 -14.43 -22.60 22.11
CA CYS C 217 -14.26 -22.37 23.52
C CYS C 217 -13.05 -21.50 23.84
N LYS C 218 -12.13 -21.37 22.91
CA LYS C 218 -10.94 -20.58 23.12
C LYS C 218 -11.11 -19.08 22.86
N VAL C 219 -12.23 -18.67 22.25
CA VAL C 219 -12.48 -17.25 21.96
C VAL C 219 -13.74 -16.83 22.62
N ARG C 220 -14.45 -17.81 23.10
CA ARG C 220 -15.70 -17.59 23.72
C ARG C 220 -15.72 -16.41 24.67
N PRO C 221 -14.82 -16.24 25.64
CA PRO C 221 -14.89 -15.12 26.56
C PRO C 221 -14.68 -13.76 25.90
N VAL C 222 -14.08 -13.73 24.70
CA VAL C 222 -13.84 -12.46 24.01
C VAL C 222 -15.14 -11.99 23.42
N LEU C 223 -15.84 -12.95 22.83
CA LEU C 223 -17.11 -12.70 22.20
C LEU C 223 -18.07 -12.30 23.26
N ASP C 224 -17.93 -12.96 24.41
CA ASP C 224 -18.80 -12.69 25.50
C ASP C 224 -18.56 -11.32 26.06
N TYR C 225 -17.31 -10.92 26.13
CA TYR C 225 -17.03 -9.61 26.64
C TYR C 225 -17.67 -8.49 25.85
N PHE C 226 -17.52 -8.50 24.53
CA PHE C 226 -18.00 -7.38 23.73
C PHE C 226 -19.48 -7.28 23.34
N VAL C 227 -20.13 -8.38 23.00
CA VAL C 227 -21.46 -8.22 22.41
C VAL C 227 -22.51 -7.52 23.25
N PRO C 228 -22.68 -7.82 24.52
CA PRO C 228 -23.69 -7.21 25.35
C PRO C 228 -23.57 -5.70 25.44
N LYS C 229 -22.39 -5.17 25.14
CA LYS C 229 -22.25 -3.76 25.22
C LYS C 229 -22.88 -3.11 24.02
N PHE C 230 -22.88 -3.81 22.89
CA PHE C 230 -23.40 -3.24 21.68
C PHE C 230 -24.89 -3.03 21.86
N ILE C 231 -25.50 -3.99 22.52
CA ILE C 231 -26.91 -3.97 22.76
C ILE C 231 -27.35 -2.87 23.73
N ASN C 232 -26.61 -2.71 24.82
CA ASN C 232 -27.03 -1.73 25.79
C ASN C 232 -26.45 -0.31 25.75
N ILE C 233 -25.54 0.01 24.85
CA ILE C 233 -25.03 1.38 24.76
C ILE C 233 -25.87 2.30 23.88
N TYR C 234 -26.33 1.80 22.74
CA TYR C 234 -27.03 2.57 21.73
C TYR C 234 -28.19 1.78 21.14
N LYS C 235 -29.33 2.44 20.86
CA LYS C 235 -30.42 1.71 20.21
C LYS C 235 -30.59 2.19 18.79
N PRO C 236 -30.81 1.30 17.85
CA PRO C 236 -31.03 1.58 16.45
C PRO C 236 -32.43 2.10 16.20
N HIS C 237 -32.57 2.86 15.10
CA HIS C 237 -33.85 3.30 14.62
C HIS C 237 -34.52 2.20 13.84
N GLN C 238 -35.69 2.49 13.30
CA GLN C 238 -36.56 1.53 12.68
C GLN C 238 -36.03 0.68 11.55
N GLN C 239 -35.12 1.15 10.74
CA GLN C 239 -34.69 0.24 9.67
C GLN C 239 -33.37 -0.45 9.93
N LEU C 240 -33.46 -1.77 10.05
CA LEU C 240 -32.35 -2.67 10.34
C LEU C 240 -32.03 -3.52 9.17
N SER C 241 -30.85 -4.07 9.13
CA SER C 241 -30.57 -5.03 8.08
C SER C 241 -29.70 -6.16 8.59
N LEU C 242 -29.83 -7.31 7.93
CA LEU C 242 -29.06 -8.49 8.34
C LEU C 242 -28.07 -9.00 7.33
N ASP C 243 -26.84 -9.26 7.77
CA ASP C 243 -25.82 -9.82 6.87
C ASP C 243 -24.70 -10.51 7.65
N GLU C 244 -23.70 -11.05 6.97
CA GLU C 244 -22.58 -11.62 7.70
C GLU C 244 -21.30 -10.78 7.64
N GLY C 245 -20.63 -10.65 8.79
CA GLY C 245 -19.36 -9.97 8.98
C GLY C 245 -18.24 -10.85 8.47
N ILE C 246 -17.11 -10.26 8.11
CA ILE C 246 -16.01 -11.03 7.55
C ILE C 246 -14.65 -11.02 8.27
N VAL C 247 -14.11 -12.22 8.54
CA VAL C 247 -12.78 -12.39 9.12
C VAL C 247 -11.94 -13.27 8.22
N PRO C 248 -11.17 -12.77 7.26
CA PRO C 248 -10.45 -13.57 6.28
C PRO C 248 -9.51 -14.55 6.96
N TRP C 249 -9.39 -15.80 6.41
CA TRP C 249 -8.46 -16.85 6.94
C TRP C 249 -8.30 -18.12 6.11
N ARG C 250 -7.11 -18.37 5.56
CA ARG C 250 -6.85 -19.52 4.69
C ARG C 250 -6.33 -20.76 5.40
N GLY C 251 -6.12 -20.68 6.69
CA GLY C 251 -5.53 -21.78 7.45
C GLY C 251 -6.55 -22.67 8.12
N ARG C 252 -6.11 -23.46 9.10
CA ARG C 252 -6.98 -24.39 9.81
C ARG C 252 -8.10 -23.60 10.51
N LEU C 253 -9.34 -24.06 10.36
CA LEU C 253 -10.49 -23.37 10.92
C LEU C 253 -11.64 -24.33 11.17
N PHE C 254 -12.66 -23.81 11.83
CA PHE C 254 -13.93 -24.43 12.19
C PHE C 254 -14.57 -25.07 10.93
N PHE C 255 -14.49 -24.36 9.80
CA PHE C 255 -15.03 -24.69 8.49
C PHE C 255 -14.26 -23.97 7.40
N ARG C 256 -14.38 -24.47 6.18
CA ARG C 256 -13.81 -23.79 5.03
C ARG C 256 -14.88 -23.60 4.00
N VAL C 257 -16.11 -23.44 4.47
CA VAL C 257 -17.26 -23.32 3.60
C VAL C 257 -17.38 -21.94 3.01
N TYR C 258 -17.53 -21.91 1.70
CA TYR C 258 -17.74 -20.65 1.01
C TYR C 258 -19.11 -20.58 0.40
N ASN C 259 -19.82 -19.54 0.77
CA ASN C 259 -21.15 -19.21 0.28
C ASN C 259 -20.97 -18.35 -0.95
N ALA C 260 -21.43 -18.82 -2.09
CA ALA C 260 -21.21 -18.15 -3.37
C ALA C 260 -21.77 -16.72 -3.39
N GLY C 261 -22.73 -16.42 -2.53
CA GLY C 261 -23.31 -15.08 -2.49
C GLY C 261 -22.52 -14.14 -1.56
N LYS C 262 -21.45 -14.63 -0.94
CA LYS C 262 -20.64 -13.85 -0.01
C LYS C 262 -19.36 -13.32 -0.65
N ILE C 263 -18.80 -12.29 -0.01
CA ILE C 263 -17.60 -11.61 -0.50
C ILE C 263 -16.23 -12.16 -0.05
N VAL C 264 -16.17 -12.97 1.00
CA VAL C 264 -14.86 -13.43 1.42
C VAL C 264 -14.76 -14.83 0.95
N LYS C 265 -13.68 -15.23 0.32
CA LYS C 265 -13.70 -16.62 -0.08
C LYS C 265 -13.59 -17.52 1.14
N TYR C 266 -12.64 -17.23 2.02
CA TYR C 266 -12.52 -18.05 3.21
C TYR C 266 -12.23 -17.22 4.43
N GLY C 267 -12.75 -17.66 5.57
CA GLY C 267 -12.52 -16.99 6.82
C GLY C 267 -13.70 -17.22 7.70
N ILE C 268 -13.77 -16.51 8.80
CA ILE C 268 -14.89 -16.71 9.69
C ILE C 268 -16.03 -15.78 9.28
N LEU C 269 -17.22 -16.33 9.13
CA LEU C 269 -18.37 -15.51 8.78
C LEU C 269 -19.08 -15.23 10.06
N VAL C 270 -19.56 -14.03 10.22
CA VAL C 270 -20.21 -13.67 11.46
C VAL C 270 -21.63 -13.22 11.29
N ARG C 271 -22.60 -13.77 11.98
CA ARG C 271 -23.95 -13.25 11.72
C ARG C 271 -24.25 -12.00 12.55
N LEU C 272 -24.59 -10.89 11.91
CA LEU C 272 -24.85 -9.68 12.69
C LEU C 272 -25.93 -8.75 12.17
N LEU C 273 -26.57 -8.08 13.10
CA LEU C 273 -27.50 -7.02 12.73
C LEU C 273 -26.90 -5.70 12.91
N CYS C 274 -27.30 -4.79 12.04
CA CYS C 274 -26.86 -3.43 12.14
C CYS C 274 -27.96 -2.46 11.71
N GLU C 275 -27.81 -1.19 12.12
CA GLU C 275 -28.72 -0.10 11.76
C GLU C 275 -28.39 0.37 10.35
N SER C 276 -29.39 0.55 9.50
CA SER C 276 -29.06 0.85 8.11
C SER C 276 -28.34 2.16 7.78
N ASP C 277 -28.50 3.20 8.58
CA ASP C 277 -27.84 4.48 8.30
C ASP C 277 -26.45 4.68 8.86
N THR C 278 -26.16 4.06 9.98
CA THR C 278 -24.90 4.32 10.63
C THR C 278 -23.92 3.16 10.62
N GLY C 279 -24.40 1.94 10.43
CA GLY C 279 -23.52 0.79 10.49
C GLY C 279 -23.33 0.33 11.92
N TYR C 280 -24.04 0.91 12.85
CA TYR C 280 -23.84 0.50 14.21
C TYR C 280 -24.17 -0.96 14.34
N ILE C 281 -23.32 -1.73 15.00
CA ILE C 281 -23.59 -3.14 15.15
C ILE C 281 -24.35 -3.39 16.39
N CYS C 282 -25.48 -4.04 16.26
CA CYS C 282 -26.44 -4.26 17.33
C CYS C 282 -26.37 -5.60 18.03
N ASN C 283 -26.27 -6.66 17.27
CA ASN C 283 -26.24 -7.99 17.86
C ASN C 283 -25.44 -8.96 17.03
N MET C 284 -24.84 -9.94 17.68
CA MET C 284 -23.99 -10.88 17.00
C MET C 284 -24.05 -12.34 17.40
N GLU C 285 -23.72 -13.18 16.41
CA GLU C 285 -23.48 -14.62 16.52
C GLU C 285 -22.34 -15.00 15.54
N ILE C 286 -21.60 -16.07 15.79
CA ILE C 286 -20.47 -16.45 14.94
C ILE C 286 -20.79 -17.64 14.09
N TYR C 287 -20.50 -17.61 12.79
CA TYR C 287 -20.75 -18.86 12.12
C TYR C 287 -19.79 -19.78 12.82
N CYS C 288 -20.31 -20.84 13.39
CA CYS C 288 -19.49 -21.67 14.23
C CYS C 288 -19.92 -23.08 14.26
N GLY C 289 -19.08 -23.94 14.79
CA GLY C 289 -19.47 -25.32 14.87
C GLY C 289 -19.64 -25.77 13.43
N GLU C 290 -20.82 -26.33 13.09
CA GLU C 290 -21.20 -26.83 11.77
C GLU C 290 -21.08 -25.70 10.71
N LEU C 294 -33.48 -22.51 8.95
CA LEU C 294 -33.13 -21.12 8.65
C LEU C 294 -33.66 -20.14 9.72
N LEU C 295 -34.99 -20.19 9.96
CA LEU C 295 -35.74 -19.31 10.88
C LEU C 295 -35.22 -19.37 12.29
N GLU C 296 -34.66 -20.49 12.70
CA GLU C 296 -34.16 -20.60 14.04
C GLU C 296 -33.07 -19.54 14.29
N THR C 297 -32.24 -19.24 13.27
CA THR C 297 -31.16 -18.29 13.50
C THR C 297 -31.63 -16.90 13.16
N ILE C 298 -32.62 -16.80 12.28
CA ILE C 298 -33.09 -15.48 11.95
C ILE C 298 -33.80 -14.98 13.18
N GLN C 299 -34.61 -15.82 13.77
CA GLN C 299 -35.30 -15.42 14.94
C GLN C 299 -34.38 -15.21 16.10
N THR C 300 -33.34 -16.00 16.22
CA THR C 300 -32.45 -15.77 17.34
C THR C 300 -31.71 -14.42 17.24
N VAL C 301 -31.18 -14.07 16.07
CA VAL C 301 -30.38 -12.85 16.02
C VAL C 301 -31.21 -11.62 16.30
N VAL C 302 -32.44 -11.64 15.89
CA VAL C 302 -33.28 -10.50 16.09
C VAL C 302 -33.87 -10.43 17.47
N SER C 303 -33.69 -11.45 18.26
CA SER C 303 -34.38 -11.55 19.50
C SER C 303 -34.53 -10.31 20.37
N PRO C 304 -33.51 -9.49 20.64
CA PRO C 304 -33.64 -8.35 21.52
C PRO C 304 -34.52 -7.26 20.95
N TYR C 305 -34.84 -7.36 19.67
CA TYR C 305 -35.61 -6.36 18.99
C TYR C 305 -37.04 -6.78 18.68
N THR C 306 -37.51 -7.84 19.29
CA THR C 306 -38.88 -8.21 19.03
C THR C 306 -39.80 -7.27 19.77
N ASP C 307 -41.11 -7.34 19.43
CA ASP C 307 -42.17 -6.55 20.04
C ASP C 307 -42.08 -5.06 19.90
N SER C 308 -41.53 -4.57 18.81
CA SER C 308 -41.47 -3.12 18.62
C SER C 308 -41.65 -2.60 17.20
N TRP C 309 -42.03 -3.46 16.25
CA TRP C 309 -42.20 -3.09 14.86
C TRP C 309 -41.00 -2.54 14.10
N TYR C 310 -39.88 -3.21 14.25
CA TYR C 310 -38.71 -2.89 13.46
C TYR C 310 -38.90 -3.46 12.08
N HIS C 311 -38.30 -2.83 11.09
CA HIS C 311 -38.37 -3.34 9.75
C HIS C 311 -37.03 -3.94 9.40
N ILE C 312 -37.03 -5.18 8.98
CA ILE C 312 -35.77 -5.81 8.68
C ILE C 312 -35.65 -6.15 7.25
N TYR C 313 -34.58 -5.68 6.67
CA TYR C 313 -34.35 -5.93 5.29
C TYR C 313 -33.37 -7.09 5.12
N MET C 314 -33.66 -7.97 4.15
CA MET C 314 -32.85 -9.16 3.89
C MET C 314 -32.46 -9.44 2.46
N ASP C 315 -31.33 -10.15 2.29
CA ASP C 315 -30.82 -10.61 0.99
C ASP C 315 -31.44 -11.99 0.65
N ASN C 316 -30.90 -12.61 -0.42
CA ASN C 316 -31.42 -13.84 -1.01
C ASN C 316 -31.45 -15.04 -0.11
N TYR C 317 -30.66 -15.07 0.94
CA TYR C 317 -30.62 -16.28 1.73
C TYR C 317 -31.17 -16.18 3.14
N TYR C 318 -31.89 -15.13 3.50
CA TYR C 318 -32.41 -15.13 4.87
C TYR C 318 -33.91 -15.30 5.05
N ASN C 319 -34.69 -14.97 4.05
CA ASN C 319 -36.13 -14.97 4.22
C ASN C 319 -36.82 -16.20 3.65
N SER C 320 -38.13 -16.24 3.84
CA SER C 320 -39.05 -17.20 3.24
C SER C 320 -40.45 -16.63 3.42
N VAL C 321 -41.43 -17.19 2.72
CA VAL C 321 -42.78 -16.68 2.98
C VAL C 321 -43.20 -17.08 4.36
N ALA C 322 -42.90 -18.32 4.71
CA ALA C 322 -43.25 -18.81 6.02
C ALA C 322 -42.54 -18.03 7.09
N ASN C 323 -41.32 -17.59 6.82
CA ASN C 323 -40.64 -16.86 7.85
C ASN C 323 -41.38 -15.58 8.03
N CYS C 324 -41.83 -14.99 6.95
CA CYS C 324 -42.50 -13.75 7.14
C CYS C 324 -43.70 -13.94 7.99
N GLU C 325 -44.42 -14.99 7.76
CA GLU C 325 -45.61 -15.18 8.53
C GLU C 325 -45.28 -15.33 9.98
N ALA C 326 -44.23 -16.05 10.28
CA ALA C 326 -43.85 -16.24 11.65
C ALA C 326 -43.33 -15.00 12.33
N LEU C 327 -42.63 -14.19 11.59
CA LEU C 327 -41.98 -13.04 12.17
C LEU C 327 -43.03 -11.98 12.49
N MET C 328 -44.14 -12.02 11.78
CA MET C 328 -45.23 -11.12 12.06
C MET C 328 -45.84 -11.39 13.41
N LYS C 329 -45.66 -12.56 13.93
CA LYS C 329 -46.28 -12.91 15.17
C LYS C 329 -45.56 -12.27 16.32
N ASN C 330 -44.35 -11.80 16.07
CA ASN C 330 -43.50 -11.21 17.06
C ASN C 330 -43.43 -9.73 16.81
N LYS C 331 -44.41 -9.24 16.06
CA LYS C 331 -44.55 -7.86 15.74
C LYS C 331 -43.40 -7.20 15.04
N PHE C 332 -42.88 -7.84 14.01
CA PHE C 332 -41.92 -7.13 13.20
C PHE C 332 -42.12 -7.49 11.75
N ARG C 333 -41.69 -6.61 10.86
CA ARG C 333 -41.98 -6.77 9.45
C ARG C 333 -40.79 -6.99 8.63
N ILE C 334 -40.99 -7.69 7.56
CA ILE C 334 -39.87 -8.09 6.77
C ILE C 334 -39.99 -7.69 5.37
N CYS C 335 -38.88 -7.32 4.82
CA CYS C 335 -38.83 -7.03 3.42
C CYS C 335 -37.60 -7.62 2.85
N GLY C 336 -37.71 -8.21 1.71
CA GLY C 336 -36.53 -8.82 1.16
C GLY C 336 -36.79 -9.54 -0.12
N THR C 337 -35.83 -10.35 -0.50
CA THR C 337 -35.96 -11.10 -1.73
C THR C 337 -35.90 -12.60 -1.41
N ILE C 338 -36.06 -13.44 -2.46
CA ILE C 338 -36.15 -14.92 -2.50
C ILE C 338 -36.91 -15.30 -3.77
N ASP C 347 -47.45 -20.50 -6.60
CA ASP C 347 -47.22 -19.13 -7.11
C ASP C 347 -46.34 -19.13 -8.38
N PHE C 348 -46.51 -20.16 -9.22
CA PHE C 348 -45.79 -20.46 -10.46
C PHE C 348 -46.07 -19.46 -11.53
N GLN C 349 -47.13 -18.70 -11.36
CA GLN C 349 -47.65 -17.75 -12.32
C GLN C 349 -46.63 -16.69 -12.61
N THR C 350 -45.66 -16.56 -11.73
CA THR C 350 -44.60 -15.60 -11.86
C THR C 350 -43.68 -16.00 -13.00
N ILE C 351 -43.84 -17.22 -13.49
CA ILE C 351 -43.13 -17.74 -14.64
C ILE C 351 -43.57 -17.01 -15.89
N SER C 352 -44.75 -16.41 -15.87
CA SER C 352 -45.19 -15.70 -17.05
C SER C 352 -44.28 -14.51 -17.13
N LEU C 353 -44.06 -14.00 -18.32
CA LEU C 353 -43.13 -12.89 -18.39
C LEU C 353 -43.69 -11.63 -18.93
N LYS C 354 -43.23 -10.55 -18.35
CA LYS C 354 -43.52 -9.24 -18.83
C LYS C 354 -42.33 -8.38 -18.54
N LYS C 355 -42.07 -7.40 -19.38
CA LYS C 355 -41.01 -6.44 -19.13
C LYS C 355 -41.67 -5.13 -18.86
N GLY C 356 -40.98 -4.20 -18.21
CA GLY C 356 -41.61 -2.95 -17.88
C GLY C 356 -42.41 -3.18 -16.61
N GLU C 357 -43.61 -2.66 -16.55
CA GLU C 357 -44.43 -2.86 -15.37
C GLU C 357 -44.84 -4.31 -15.28
N THR C 358 -44.83 -4.89 -14.09
CA THR C 358 -45.24 -6.28 -13.96
C THR C 358 -46.24 -6.54 -12.85
N LYS C 359 -46.82 -7.72 -12.95
CA LYS C 359 -47.81 -8.28 -12.06
C LYS C 359 -47.31 -8.75 -10.74
N PHE C 360 -48.18 -8.64 -9.77
CA PHE C 360 -47.91 -9.19 -8.50
C PHE C 360 -49.00 -10.09 -8.03
N ILE C 361 -48.62 -10.96 -7.15
CA ILE C 361 -49.53 -11.80 -6.46
C ILE C 361 -49.60 -11.27 -5.06
N ARG C 362 -50.76 -11.00 -4.55
CA ARG C 362 -50.73 -10.50 -3.20
C ARG C 362 -51.64 -11.35 -2.36
N LYS C 363 -51.12 -11.86 -1.26
CA LYS C 363 -51.91 -12.70 -0.39
C LYS C 363 -51.68 -12.46 1.08
N ASN C 364 -52.73 -12.42 1.89
CA ASN C 364 -52.60 -12.34 3.36
C ASN C 364 -51.68 -11.22 3.85
N ASP C 365 -51.80 -10.06 3.21
CA ASP C 365 -51.02 -8.86 3.49
C ASP C 365 -49.52 -8.96 3.18
N ILE C 366 -49.12 -9.99 2.46
CA ILE C 366 -47.76 -10.09 2.01
C ILE C 366 -47.71 -9.95 0.50
N LEU C 367 -46.98 -8.99 0.04
CA LEU C 367 -46.89 -8.80 -1.38
C LEU C 367 -45.84 -9.66 -1.92
N LEU C 368 -46.15 -10.37 -2.96
CA LEU C 368 -45.19 -11.21 -3.58
C LEU C 368 -45.09 -10.78 -5.01
N GLN C 369 -44.38 -9.71 -5.24
CA GLN C 369 -44.33 -9.16 -6.58
C GLN C 369 -43.19 -9.69 -7.31
N VAL C 370 -43.36 -9.93 -8.59
CA VAL C 370 -42.19 -10.32 -9.32
C VAL C 370 -42.00 -9.36 -10.46
N TRP C 371 -40.83 -8.78 -10.52
CA TRP C 371 -40.50 -7.85 -11.56
C TRP C 371 -39.52 -8.52 -12.47
N GLN C 372 -39.07 -7.85 -13.49
CA GLN C 372 -38.13 -8.49 -14.37
C GLN C 372 -37.04 -7.56 -14.80
N SER C 373 -35.84 -8.04 -14.62
CA SER C 373 -34.68 -7.30 -15.01
C SER C 373 -33.94 -8.23 -15.94
N LYS C 374 -32.73 -8.61 -15.55
CA LYS C 374 -32.02 -9.59 -16.34
C LYS C 374 -32.61 -10.94 -15.98
N LYS C 375 -33.20 -10.97 -14.79
CA LYS C 375 -33.79 -12.15 -14.22
C LYS C 375 -35.07 -11.75 -13.55
N PRO C 376 -35.97 -12.67 -13.24
CA PRO C 376 -37.12 -12.38 -12.44
C PRO C 376 -36.60 -11.82 -11.14
N VAL C 377 -37.22 -10.77 -10.68
CA VAL C 377 -36.83 -10.15 -9.47
C VAL C 377 -37.87 -10.41 -8.45
N TYR C 378 -37.53 -11.13 -7.44
CA TYR C 378 -38.53 -11.49 -6.47
C TYR C 378 -38.61 -10.48 -5.38
N LEU C 379 -39.80 -10.05 -5.03
CA LEU C 379 -39.90 -9.14 -3.94
C LEU C 379 -40.95 -9.54 -2.93
N ILE C 380 -40.55 -9.73 -1.70
CA ILE C 380 -41.50 -10.07 -0.67
C ILE C 380 -41.61 -8.97 0.32
N SER C 381 -42.82 -8.55 0.60
CA SER C 381 -42.93 -7.52 1.58
C SER C 381 -44.16 -7.46 2.42
N SER C 382 -43.93 -7.18 3.69
CA SER C 382 -45.00 -6.92 4.62
C SER C 382 -44.91 -5.51 5.14
N ILE C 383 -44.15 -4.66 4.45
CA ILE C 383 -43.98 -3.27 4.89
C ILE C 383 -44.59 -2.20 4.05
N HIS C 384 -45.10 -2.50 2.89
CA HIS C 384 -45.68 -1.45 2.11
C HIS C 384 -46.68 -1.99 1.08
N SER C 385 -47.50 -1.12 0.51
CA SER C 385 -48.41 -1.51 -0.55
C SER C 385 -47.68 -1.63 -1.90
N ALA C 386 -48.29 -2.33 -2.87
CA ALA C 386 -47.68 -2.42 -4.19
C ALA C 386 -47.80 -1.12 -4.93
N GLU C 387 -46.74 -0.73 -5.58
CA GLU C 387 -46.70 0.46 -6.42
C GLU C 387 -45.55 0.37 -7.37
N MET C 388 -45.62 1.09 -8.47
CA MET C 388 -44.44 1.18 -9.30
C MET C 388 -44.21 2.61 -9.77
N GLU C 389 -43.00 3.11 -9.49
CA GLU C 389 -42.66 4.51 -9.70
C GLU C 389 -41.21 4.72 -10.01
N GLU C 390 -40.90 5.87 -10.57
CA GLU C 390 -39.55 6.22 -10.91
C GLU C 390 -38.70 6.71 -9.79
N SER C 391 -37.42 6.52 -9.98
CA SER C 391 -36.43 7.09 -9.11
C SER C 391 -35.17 7.48 -9.87
N GLN C 392 -34.42 8.38 -9.27
CA GLN C 392 -33.19 8.78 -9.89
C GLN C 392 -32.14 7.76 -9.61
N ASN C 393 -31.58 7.22 -10.67
CA ASN C 393 -30.56 6.24 -10.51
C ASN C 393 -29.22 6.95 -10.43
N ILE C 394 -28.26 6.26 -9.84
CA ILE C 394 -26.89 6.73 -9.75
C ILE C 394 -26.23 6.48 -11.09
N ASP C 395 -26.61 5.36 -11.69
CA ASP C 395 -26.10 4.92 -12.96
C ASP C 395 -26.71 5.76 -14.05
N ARG C 396 -26.03 5.86 -15.17
CA ARG C 396 -26.64 6.55 -16.29
C ARG C 396 -27.75 5.64 -16.81
N THR C 397 -28.93 6.21 -17.07
CA THR C 397 -30.07 5.46 -17.56
C THR C 397 -30.68 6.10 -18.79
N SER C 398 -31.58 5.36 -19.47
CA SER C 398 -32.22 5.83 -20.70
C SER C 398 -33.15 7.01 -20.54
N LYS C 399 -33.73 7.13 -19.37
CA LYS C 399 -34.62 8.21 -19.04
C LYS C 399 -33.99 8.88 -17.85
N LYS C 400 -34.36 10.11 -17.54
CA LYS C 400 -33.74 10.68 -16.36
C LYS C 400 -33.99 9.81 -15.14
N LYS C 401 -35.22 9.32 -15.00
CA LYS C 401 -35.56 8.46 -13.88
C LYS C 401 -36.16 7.17 -14.41
N ILE C 402 -35.95 6.08 -13.68
CA ILE C 402 -36.45 4.78 -14.10
C ILE C 402 -37.46 4.22 -13.17
N VAL C 403 -38.58 3.77 -13.74
CA VAL C 403 -39.69 3.20 -12.98
C VAL C 403 -39.41 1.77 -12.56
N LYS C 404 -39.51 1.56 -11.27
CA LYS C 404 -39.27 0.28 -10.63
C LYS C 404 -40.25 0.06 -9.51
N PRO C 405 -40.47 -1.16 -9.07
CA PRO C 405 -41.29 -1.45 -7.93
C PRO C 405 -40.78 -0.61 -6.81
N ASN C 406 -41.67 -0.09 -6.02
CA ASN C 406 -41.25 0.77 -4.96
C ASN C 406 -40.36 0.03 -3.99
N ALA C 407 -40.57 -1.25 -3.89
CA ALA C 407 -39.78 -2.05 -3.00
C ALA C 407 -38.30 -2.00 -3.37
N LEU C 408 -37.95 -1.88 -4.66
CA LEU C 408 -36.54 -1.87 -4.97
C LEU C 408 -35.98 -0.53 -4.68
N ILE C 409 -36.83 0.46 -4.77
CA ILE C 409 -36.33 1.78 -4.49
C ILE C 409 -35.90 1.84 -3.05
N ASP C 410 -36.69 1.30 -2.15
CA ASP C 410 -36.27 1.34 -0.76
C ASP C 410 -35.16 0.34 -0.42
N TYR C 411 -35.21 -0.83 -1.02
CA TYR C 411 -34.24 -1.86 -0.72
C TYR C 411 -32.84 -1.39 -0.99
N ASN C 412 -32.65 -0.70 -2.09
CA ASN C 412 -31.34 -0.30 -2.51
C ASN C 412 -30.87 0.98 -1.87
N LYS C 413 -31.64 1.51 -0.93
CA LYS C 413 -31.20 2.67 -0.18
C LYS C 413 -30.82 2.21 1.21
N HIS C 414 -31.51 1.22 1.75
CA HIS C 414 -31.16 0.76 3.07
C HIS C 414 -29.96 -0.19 3.11
N MET C 415 -29.71 -0.93 2.04
CA MET C 415 -28.59 -1.85 2.09
C MET C 415 -27.25 -1.23 1.83
N LYS C 416 -26.83 -0.37 2.74
CA LYS C 416 -25.53 0.28 2.73
C LYS C 416 -24.97 0.10 4.13
N GLY C 417 -25.90 -0.11 5.07
CA GLY C 417 -25.56 -0.18 6.51
C GLY C 417 -24.61 -1.31 6.81
N VAL C 418 -24.77 -2.38 6.08
CA VAL C 418 -23.98 -3.55 6.26
C VAL C 418 -22.53 -3.32 5.96
N ASP C 419 -22.22 -2.58 4.89
CA ASP C 419 -20.82 -2.41 4.57
C ASP C 419 -20.20 -1.29 5.37
N ARG C 420 -20.95 -0.23 5.67
CA ARG C 420 -20.24 0.81 6.37
C ARG C 420 -19.91 0.30 7.76
N ALA C 421 -20.68 -0.66 8.27
CA ALA C 421 -20.44 -1.21 9.57
C ALA C 421 -19.06 -1.83 9.75
N ASP C 422 -18.48 -2.44 8.72
CA ASP C 422 -17.17 -3.01 9.01
C ASP C 422 -16.24 -3.05 7.86
N GLN C 423 -16.51 -2.38 6.77
CA GLN C 423 -15.58 -2.51 5.66
C GLN C 423 -14.19 -2.02 5.98
N TYR C 424 -14.09 -1.07 6.88
CA TYR C 424 -12.84 -0.45 7.25
C TYR C 424 -12.01 -1.40 8.05
N LEU C 425 -12.70 -2.29 8.70
CA LEU C 425 -12.12 -3.10 9.74
C LEU C 425 -11.49 -4.30 9.12
N SER C 426 -11.71 -4.46 7.84
CA SER C 426 -11.15 -5.58 7.15
C SER C 426 -9.75 -5.25 6.69
N TYR C 427 -9.40 -3.95 6.62
CA TYR C 427 -8.07 -3.63 6.11
C TYR C 427 -7.28 -2.72 7.01
N TYR C 428 -7.90 -2.18 8.02
CA TYR C 428 -7.16 -1.32 8.88
C TYR C 428 -6.47 -2.28 9.80
N SER C 429 -5.70 -1.79 10.72
CA SER C 429 -4.92 -2.60 11.58
C SER C 429 -5.69 -3.54 12.44
N ILE C 430 -4.85 -4.22 13.20
CA ILE C 430 -5.01 -5.39 14.03
C ILE C 430 -5.25 -6.51 13.01
N LEU C 431 -4.21 -6.64 12.15
CA LEU C 431 -4.04 -7.60 11.04
C LEU C 431 -2.81 -8.45 11.23
N ARG C 432 -2.89 -9.69 10.78
CA ARG C 432 -1.78 -10.63 10.85
C ARG C 432 -1.88 -11.73 9.81
N ARG C 433 -0.79 -12.52 9.67
CA ARG C 433 -0.69 -13.73 8.85
C ARG C 433 -0.29 -14.86 9.77
N THR C 434 -0.79 -14.79 10.98
CA THR C 434 -0.47 -15.71 12.05
C THR C 434 -1.08 -17.02 11.95
N VAL C 435 -0.61 -17.87 12.82
CA VAL C 435 -1.10 -19.22 12.83
C VAL C 435 -2.18 -19.43 13.84
N LYS C 436 -2.42 -18.45 14.65
CA LYS C 436 -3.45 -18.62 15.63
C LYS C 436 -4.78 -18.00 15.21
N TRP C 437 -5.76 -18.85 14.92
CA TRP C 437 -7.04 -18.36 14.47
C TRP C 437 -7.67 -17.57 15.56
N THR C 438 -7.28 -17.86 16.77
CA THR C 438 -7.85 -17.19 17.89
C THR C 438 -7.49 -15.75 17.91
N LYS C 439 -6.31 -15.42 17.44
CA LYS C 439 -5.95 -14.03 17.46
C LYS C 439 -6.70 -13.30 16.37
N ARG C 440 -6.89 -13.93 15.22
CA ARG C 440 -7.56 -13.22 14.12
C ARG C 440 -8.98 -12.88 14.48
N LEU C 441 -9.63 -13.81 15.12
CA LEU C 441 -10.99 -13.57 15.49
C LEU C 441 -11.08 -12.55 16.59
N ALA C 442 -10.19 -12.60 17.57
CA ALA C 442 -10.28 -11.63 18.61
C ALA C 442 -10.07 -10.25 18.08
N MET C 443 -9.17 -10.12 17.10
CA MET C 443 -8.93 -8.79 16.57
C MET C 443 -10.14 -8.26 15.82
N TYR C 444 -10.87 -9.11 15.12
CA TYR C 444 -12.08 -8.65 14.45
C TYR C 444 -13.02 -8.04 15.48
N MET C 445 -13.17 -8.72 16.61
CA MET C 445 -14.07 -8.22 17.65
C MET C 445 -13.63 -6.87 18.23
N ILE C 446 -12.33 -6.66 18.34
CA ILE C 446 -11.85 -5.39 18.83
C ILE C 446 -12.21 -4.31 17.83
N ASN C 447 -12.04 -4.58 16.54
CA ASN C 447 -12.41 -3.55 15.61
C ASN C 447 -13.90 -3.25 15.61
N CYS C 448 -14.75 -4.23 15.90
CA CYS C 448 -16.15 -3.89 15.93
C CYS C 448 -16.40 -2.90 17.03
N ALA C 449 -15.76 -3.08 18.17
CA ALA C 449 -15.94 -2.16 19.27
C ALA C 449 -15.47 -0.76 18.93
N LEU C 450 -14.37 -0.64 18.21
CA LEU C 450 -13.91 0.68 17.85
C LEU C 450 -14.85 1.34 16.87
N PHE C 451 -15.43 0.55 15.97
CA PHE C 451 -16.37 1.10 15.02
C PHE C 451 -17.60 1.62 15.68
N ASN C 452 -18.12 0.87 16.61
CA ASN C 452 -19.30 1.32 17.26
C ASN C 452 -19.03 2.55 18.06
N SER C 453 -17.84 2.69 18.59
CA SER C 453 -17.54 3.89 19.33
C SER C 453 -17.61 5.10 18.45
N TYR C 454 -17.06 4.97 17.26
CA TYR C 454 -17.11 6.02 16.28
C TYR C 454 -18.52 6.42 15.89
N ALA C 455 -19.37 5.43 15.62
CA ALA C 455 -20.74 5.73 15.24
C ALA C 455 -21.49 6.47 16.33
N VAL C 456 -21.24 6.10 17.58
CA VAL C 456 -21.88 6.78 18.67
C VAL C 456 -21.44 8.20 18.78
N TYR C 457 -20.16 8.42 18.62
CA TYR C 457 -19.58 9.73 18.70
C TYR C 457 -20.22 10.68 17.72
N LYS C 458 -20.34 10.24 16.47
CA LYS C 458 -20.97 11.04 15.44
C LYS C 458 -22.44 11.29 15.66
N SER C 459 -23.14 10.35 16.26
CA SER C 459 -24.56 10.59 16.47
C SER C 459 -24.76 11.79 17.34
N VAL C 460 -23.94 11.92 18.36
CA VAL C 460 -24.10 13.05 19.25
C VAL C 460 -23.57 14.36 18.69
N ARG C 461 -22.41 14.35 18.06
CA ARG C 461 -21.84 15.61 17.57
C ARG C 461 -22.14 15.85 16.10
N GLN C 462 -22.30 17.10 15.70
CA GLN C 462 -22.58 17.43 14.30
C GLN C 462 -21.36 17.43 13.39
N ARG C 463 -20.19 17.36 13.98
CA ARG C 463 -18.93 17.41 13.29
C ARG C 463 -18.68 16.20 12.46
N LYS C 464 -18.00 16.38 11.35
CA LYS C 464 -17.70 15.24 10.53
C LYS C 464 -16.23 14.97 10.46
N MET C 465 -15.88 13.75 10.81
CA MET C 465 -14.53 13.23 10.80
C MET C 465 -14.62 11.80 10.39
N GLY C 466 -13.58 11.28 9.76
CA GLY C 466 -13.63 9.89 9.37
C GLY C 466 -13.22 8.95 10.49
N PHE C 467 -13.42 7.67 10.24
CA PHE C 467 -13.07 6.65 11.20
C PHE C 467 -11.59 6.64 11.40
N LYS C 468 -10.85 6.90 10.36
CA LYS C 468 -9.43 6.89 10.47
C LYS C 468 -8.90 7.87 11.49
N MET C 469 -9.52 9.03 11.65
CA MET C 469 -8.98 9.93 12.62
C MET C 469 -9.39 9.54 14.00
N PHE C 470 -10.50 8.87 14.11
CA PHE C 470 -10.96 8.44 15.40
C PHE C 470 -9.93 7.45 15.94
N LEU C 471 -9.51 6.54 15.06
CA LEU C 471 -8.55 5.51 15.41
C LEU C 471 -7.17 6.03 15.73
N LYS C 472 -6.68 7.01 14.96
CA LYS C 472 -5.37 7.55 15.25
C LYS C 472 -5.35 8.23 16.58
N GLN C 473 -6.38 9.00 16.87
CA GLN C 473 -6.39 9.70 18.13
C GLN C 473 -6.50 8.72 19.29
N THR C 474 -7.22 7.63 19.09
CA THR C 474 -7.36 6.65 20.13
C THR C 474 -6.01 6.06 20.45
N ALA C 475 -5.22 5.74 19.43
CA ALA C 475 -3.90 5.18 19.69
C ALA C 475 -3.03 6.14 20.46
N ILE C 476 -3.15 7.42 20.16
CA ILE C 476 -2.36 8.41 20.85
C ILE C 476 -2.73 8.47 22.29
N HIS C 477 -4.00 8.41 22.56
CA HIS C 477 -4.42 8.39 23.92
C HIS C 477 -3.92 7.16 24.67
N TRP C 478 -4.05 5.98 24.09
CA TRP C 478 -3.62 4.79 24.83
C TRP C 478 -2.12 4.77 25.08
N LEU C 479 -1.32 5.39 24.22
CA LEU C 479 0.13 5.45 24.38
C LEU C 479 0.58 6.58 25.27
N THR C 480 -0.34 7.39 25.75
CA THR C 480 -0.07 8.47 26.65
C THR C 480 -0.07 7.85 28.00
N ASP C 481 0.77 8.30 28.89
CA ASP C 481 0.82 7.67 30.20
C ASP C 481 -0.26 8.14 31.17
N ASP C 482 -1.53 7.75 30.86
CA ASP C 482 -2.79 8.04 31.58
C ASP C 482 -2.78 9.36 32.35
N GLY C 501 13.37 5.01 32.01
CA GLY C 501 14.80 4.79 32.07
C GLY C 501 15.24 3.68 31.11
N MET C 502 15.02 3.90 29.80
CA MET C 502 15.39 2.99 28.73
C MET C 502 16.81 3.25 28.29
N ARG C 503 17.49 2.17 27.92
CA ARG C 503 18.84 2.18 27.41
C ARG C 503 18.94 2.77 26.02
N ALA C 504 19.97 3.57 25.79
CA ALA C 504 20.25 4.11 24.47
C ALA C 504 20.53 2.99 23.48
N LYS C 505 20.09 3.18 22.25
CA LYS C 505 20.25 2.19 21.23
C LYS C 505 21.66 2.30 20.77
N PRO C 506 22.33 1.22 20.37
CA PRO C 506 23.64 1.24 19.80
C PRO C 506 23.50 1.79 18.41
N PRO C 507 24.56 2.38 17.83
CA PRO C 507 24.62 2.64 16.41
C PRO C 507 24.73 1.32 15.65
N THR C 508 24.27 1.29 14.41
CA THR C 508 24.32 0.08 13.55
C THR C 508 24.87 0.39 12.17
N SER C 509 24.53 1.56 11.59
CA SER C 509 25.11 2.07 10.36
C SER C 509 25.23 3.59 10.40
N ASP C 510 26.17 4.15 9.65
CA ASP C 510 26.50 5.57 9.69
C ASP C 510 25.58 6.37 8.75
N PRO C 511 24.82 7.36 9.24
CA PRO C 511 23.82 8.08 8.45
C PRO C 511 24.34 8.71 7.15
N PRO C 512 23.53 8.75 6.07
CA PRO C 512 23.96 9.25 4.79
C PRO C 512 24.19 10.74 4.78
N CYS C 513 23.65 11.46 5.77
CA CYS C 513 23.79 12.91 5.94
C CYS C 513 25.10 13.35 6.59
N ARG C 514 25.95 12.44 7.11
CA ARG C 514 27.18 12.84 7.83
C ARG C 514 28.14 13.67 7.00
N LEU C 515 28.13 13.49 5.68
CA LEU C 515 29.02 14.17 4.75
C LEU C 515 28.52 15.57 4.32
N SER C 516 27.31 15.99 4.69
CA SER C 516 26.82 17.34 4.39
C SER C 516 27.56 18.38 5.22
N MET C 517 28.29 19.30 4.58
CA MET C 517 29.35 20.09 5.22
C MET C 517 28.84 21.31 6.02
N ASP C 518 27.54 21.45 6.23
CA ASP C 518 26.93 22.66 6.80
C ASP C 518 27.25 22.82 8.29
N MET C 519 28.21 23.70 8.59
CA MET C 519 28.69 23.94 9.94
C MET C 519 27.65 24.56 10.88
N ARG C 520 26.49 24.99 10.37
CA ARG C 520 25.36 25.42 11.20
C ARG C 520 24.58 24.22 11.79
N LYS C 521 24.64 23.06 11.15
CA LYS C 521 23.93 21.83 11.56
C LYS C 521 24.80 20.95 12.46
N HIS C 522 26.00 20.57 12.02
CA HIS C 522 26.90 19.69 12.77
C HIS C 522 27.69 20.46 13.84
N THR C 523 27.43 20.14 15.11
CA THR C 523 27.96 20.81 16.29
C THR C 523 28.15 19.82 17.43
N LEU C 524 29.10 20.06 18.33
CA LEU C 524 29.31 19.18 19.48
C LEU C 524 28.32 19.52 20.62
N GLN C 525 27.52 18.55 21.06
CA GLN C 525 26.74 18.64 22.29
C GLN C 525 27.20 17.60 23.30
N ALA C 526 27.16 17.92 24.58
CA ALA C 526 27.42 16.94 25.63
C ALA C 526 26.29 15.89 25.67
N ILE C 527 26.65 14.63 25.90
CA ILE C 527 25.69 13.54 26.10
C ILE C 527 24.90 13.80 27.38
N VAL C 528 23.59 13.55 27.35
CA VAL C 528 22.74 13.53 28.54
C VAL C 528 22.24 12.12 28.79
N GLY C 529 22.65 11.54 29.91
CA GLY C 529 22.34 10.17 30.27
C GLY C 529 20.89 9.97 30.69
N SER C 530 20.27 8.90 30.22
CA SER C 530 18.94 8.46 30.67
C SER C 530 18.98 7.68 31.98
N GLY C 531 20.17 7.37 32.51
CA GLY C 531 20.32 6.55 33.70
C GLY C 531 20.46 7.37 34.96
N LYS C 532 21.11 6.78 35.96
CA LYS C 532 21.31 7.43 37.24
C LYS C 532 22.16 8.68 37.11
N LYS C 533 23.14 8.65 36.21
CA LYS C 533 24.01 9.80 36.01
C LYS C 533 23.75 10.39 34.65
N LYS C 534 23.85 11.73 34.58
CA LYS C 534 23.74 12.49 33.33
C LYS C 534 25.03 12.45 32.50
N ASN C 535 26.17 12.31 33.15
CA ASN C 535 27.51 12.43 32.60
C ASN C 535 28.00 11.24 31.73
N ILE C 536 27.21 10.16 31.59
CA ILE C 536 27.73 8.86 31.16
C ILE C 536 28.40 8.88 29.79
N LEU C 537 29.53 8.21 29.68
CA LEU C 537 30.30 8.10 28.46
C LEU C 537 29.68 7.05 27.52
N ARG C 538 30.07 7.06 26.25
CA ARG C 538 29.76 6.00 25.28
C ARG C 538 30.99 5.66 24.43
N ARG C 539 31.01 4.51 23.74
CA ARG C 539 32.15 4.13 22.89
C ARG C 539 32.29 5.05 21.67
N CYS C 540 33.48 5.57 21.45
CA CYS C 540 33.78 6.43 20.30
C CYS C 540 33.60 5.66 18.99
N ARG C 541 32.68 6.09 18.13
CA ARG C 541 32.36 5.40 16.87
C ARG C 541 33.54 5.34 15.92
N VAL C 542 34.39 6.37 15.90
CA VAL C 542 35.61 6.38 15.08
C VAL C 542 36.66 5.38 15.58
N CYS C 543 36.71 5.10 16.88
CA CYS C 543 37.66 4.14 17.45
C CYS C 543 37.13 2.69 17.43
N SER C 544 35.85 2.44 17.69
CA SER C 544 35.35 1.06 17.81
C SER C 544 35.32 0.27 16.50
N VAL C 545 35.28 0.92 15.32
CA VAL C 545 35.43 0.22 14.04
C VAL C 545 36.82 -0.41 13.84
N HIS C 546 37.85 0.06 14.55
CA HIS C 546 39.18 -0.56 14.66
C HIS C 546 39.32 -1.47 15.90
N LYS C 547 38.21 -1.77 16.57
CA LYS C 547 38.08 -2.51 17.84
C LYS C 547 38.92 -1.97 19.00
N LEU C 548 39.20 -0.66 18.99
CA LEU C 548 39.78 0.06 20.12
C LEU C 548 38.67 0.58 21.06
N ARG C 549 38.37 -0.10 22.16
CA ARG C 549 37.50 0.43 23.22
C ARG C 549 38.13 1.69 23.79
N SER C 550 37.45 2.82 23.62
CA SER C 550 37.74 4.10 24.27
C SER C 550 36.46 4.91 24.35
N GLU C 551 36.32 5.74 25.38
CA GLU C 551 35.04 6.31 25.77
C GLU C 551 35.06 7.84 25.82
N THR C 552 33.90 8.46 25.60
CA THR C 552 33.74 9.91 25.37
C THR C 552 32.38 10.40 25.89
N ARG C 553 32.23 11.70 26.18
CA ARG C 553 30.91 12.31 26.42
C ARG C 553 30.49 13.45 25.51
N TYR C 554 31.11 13.62 24.36
CA TYR C 554 30.65 14.56 23.33
C TYR C 554 30.03 13.81 22.12
N MET C 555 28.99 14.40 21.53
CA MET C 555 28.13 13.78 20.52
C MET C 555 27.75 14.78 19.43
N CYS C 556 27.61 14.34 18.18
CA CYS C 556 27.12 15.19 17.09
C CYS C 556 25.59 15.37 17.18
N LYS C 557 25.14 16.62 17.37
CA LYS C 557 23.73 16.96 17.67
C LYS C 557 22.73 16.59 16.57
N PHE C 558 23.16 16.66 15.31
CA PHE C 558 22.32 16.34 14.15
C PHE C 558 22.24 14.83 13.87
N CYS C 559 23.35 14.11 14.04
CA CYS C 559 23.53 12.70 13.68
C CYS C 559 23.22 11.69 14.81
N ASN C 560 23.29 12.11 16.09
CA ASN C 560 23.24 11.24 17.28
C ASN C 560 24.35 10.18 17.39
N ILE C 561 25.57 10.47 16.95
CA ILE C 561 26.74 9.56 17.03
C ILE C 561 27.81 10.06 18.03
N PRO C 562 28.29 9.23 19.00
CA PRO C 562 29.34 9.62 19.95
C PRO C 562 30.76 9.68 19.37
N LEU C 563 31.52 10.72 19.71
CA LEU C 563 32.82 11.04 19.10
C LEU C 563 33.78 11.66 20.15
N HIS C 564 35.11 11.60 19.98
CA HIS C 564 36.05 12.45 20.76
C HIS C 564 36.19 13.85 20.13
N LYS C 565 36.53 14.85 20.96
CA LYS C 565 36.85 16.22 20.51
C LYS C 565 37.95 16.25 19.47
N GLY C 566 37.79 17.05 18.43
CA GLY C 566 38.79 17.26 17.39
C GLY C 566 39.06 16.00 16.56
N ALA C 567 40.06 15.22 16.96
CA ALA C 567 40.69 14.20 16.12
C ALA C 567 39.71 13.17 15.54
N CYS C 568 38.70 12.75 16.31
CA CYS C 568 37.64 11.86 15.81
C CYS C 568 36.56 12.66 15.08
N PHE C 569 36.04 13.73 15.68
CA PHE C 569 34.90 14.47 15.14
C PHE C 569 35.13 14.95 13.72
N GLU C 570 36.33 15.48 13.46
CA GLU C 570 36.73 15.99 12.16
C GLU C 570 36.74 14.87 11.12
N LYS C 571 37.29 13.70 11.43
CA LYS C 571 37.34 12.58 10.49
C LYS C 571 35.95 12.08 10.14
N TYR C 572 35.04 11.98 11.11
CA TYR C 572 33.72 11.39 10.88
C TYR C 572 32.91 12.16 9.84
N HIS C 573 33.00 13.49 9.86
CA HIS C 573 32.33 14.35 8.90
C HIS C 573 33.14 14.54 7.60
N THR C 574 34.49 14.55 7.66
CA THR C 574 35.29 14.90 6.48
C THR C 574 35.77 13.73 5.63
N LEU C 575 35.95 12.52 6.19
CA LEU C 575 36.55 11.38 5.48
C LEU C 575 35.51 10.33 5.09
N LYS C 576 35.58 9.86 3.84
CA LYS C 576 34.67 8.83 3.32
C LYS C 576 34.81 7.52 4.07
N ASN C 577 36.05 7.08 4.31
CA ASN C 577 36.39 5.97 5.20
C ASN C 577 37.21 6.48 6.40
N TYR C 578 36.99 5.91 7.59
CA TYR C 578 37.68 6.29 8.84
C TYR C 578 38.24 5.08 9.61
N ASP D 16 -5.61 21.42 -5.61
CA ASP D 16 -4.35 21.85 -4.98
C ASP D 16 -3.29 22.35 -5.99
N GLU D 17 -3.52 22.13 -7.28
CA GLU D 17 -2.66 22.44 -8.39
C GLU D 17 -3.47 23.12 -9.45
N PHE D 18 -2.82 23.87 -10.30
CA PHE D 18 -3.48 24.59 -11.35
C PHE D 18 -3.00 24.11 -12.68
N CYS D 19 -3.81 24.35 -13.68
CA CYS D 19 -3.43 24.02 -15.03
C CYS D 19 -3.40 25.27 -15.87
N ALA D 20 -2.47 25.35 -16.79
CA ALA D 20 -2.40 26.52 -17.64
C ALA D 20 -2.81 26.34 -19.11
N ASP D 21 -2.63 25.14 -19.69
CA ASP D 21 -2.82 24.99 -21.14
C ASP D 21 -4.15 24.45 -21.62
N LYS D 22 -5.09 24.28 -20.72
CA LYS D 22 -6.41 23.76 -21.02
C LYS D 22 -6.41 22.30 -21.52
N LEU D 23 -5.30 21.58 -21.35
CA LEU D 23 -5.26 20.17 -21.67
C LEU D 23 -5.06 19.34 -20.42
N SER D 24 -4.23 19.82 -19.51
CA SER D 24 -4.00 18.99 -18.37
C SER D 24 -5.23 18.96 -17.53
N ASN D 25 -5.74 17.79 -17.30
CA ASN D 25 -6.96 17.55 -16.58
C ASN D 25 -8.19 18.24 -17.18
N TYR D 26 -8.27 18.30 -18.52
CA TYR D 26 -9.40 18.89 -19.25
C TYR D 26 -10.07 17.92 -20.22
N SER D 27 -11.34 18.26 -20.61
CA SER D 27 -12.18 17.50 -21.55
C SER D 27 -12.29 16.08 -21.11
N CYS D 28 -12.57 15.98 -19.83
CA CYS D 28 -12.67 14.75 -19.12
C CYS D 28 -13.64 14.96 -18.01
N ASP D 29 -14.09 13.87 -17.42
CA ASP D 29 -15.05 13.97 -16.36
C ASP D 29 -14.92 12.85 -15.37
N SER D 30 -15.76 12.93 -14.36
CA SER D 30 -15.88 11.97 -13.30
C SER D 30 -16.70 10.78 -13.70
N ASP D 31 -16.55 9.70 -12.95
CA ASP D 31 -17.35 8.50 -13.10
C ASP D 31 -17.34 7.90 -14.50
N LEU D 32 -16.17 7.88 -15.14
CA LEU D 32 -16.03 7.29 -16.49
C LEU D 32 -15.52 5.81 -16.53
N GLU D 33 -15.24 5.23 -15.34
CA GLU D 33 -14.74 3.89 -15.09
C GLU D 33 -15.88 2.89 -15.22
N HIS D 79 -6.69 -32.59 -43.15
CA HIS D 79 -7.35 -31.42 -42.54
C HIS D 79 -8.13 -31.73 -41.24
N VAL D 80 -8.22 -33.02 -40.84
CA VAL D 80 -8.94 -33.51 -39.66
C VAL D 80 -8.00 -34.12 -38.63
N ASP D 81 -6.73 -33.79 -38.78
CA ASP D 81 -5.66 -34.19 -37.90
C ASP D 81 -4.68 -33.02 -37.86
N ASN D 82 -3.56 -33.09 -37.13
CA ASN D 82 -2.63 -31.96 -37.14
C ASN D 82 -1.18 -32.22 -36.73
N PRO D 83 -0.23 -32.20 -37.68
CA PRO D 83 1.17 -32.34 -37.41
C PRO D 83 1.60 -31.12 -36.59
N PRO D 84 2.64 -31.20 -35.80
CA PRO D 84 3.25 -30.11 -35.08
C PRO D 84 4.00 -29.31 -36.08
N VAL D 85 4.38 -28.11 -35.73
CA VAL D 85 5.25 -27.48 -36.66
C VAL D 85 6.62 -28.10 -36.56
N LEU D 86 7.14 -28.54 -37.68
CA LEU D 86 8.46 -29.13 -37.70
C LEU D 86 9.49 -28.07 -38.03
N GLU D 87 9.06 -27.06 -38.76
CA GLU D 87 9.93 -25.96 -39.17
C GLU D 87 10.01 -24.94 -38.05
N ASP D 88 10.53 -25.40 -36.95
CA ASP D 88 10.70 -24.66 -35.73
C ASP D 88 12.14 -24.20 -35.71
N PHE D 89 12.35 -22.92 -35.96
CA PHE D 89 13.71 -22.41 -36.07
C PHE D 89 14.17 -21.82 -34.75
N LEU D 90 15.40 -22.12 -34.37
CA LEU D 90 15.98 -21.58 -33.15
C LEU D 90 17.06 -20.58 -33.45
N GLY D 91 17.10 -20.15 -34.69
CA GLY D 91 18.13 -19.26 -35.20
C GLY D 91 17.94 -17.83 -34.73
N HIS D 92 18.17 -17.63 -33.45
CA HIS D 92 18.00 -16.32 -32.86
C HIS D 92 19.18 -15.90 -32.01
N GLN D 93 19.09 -14.67 -31.53
CA GLN D 93 20.07 -13.98 -30.70
C GLN D 93 20.12 -14.44 -29.25
N GLY D 94 21.27 -14.19 -28.63
CA GLY D 94 21.54 -14.59 -27.26
C GLY D 94 20.73 -13.89 -26.22
N LEU D 95 20.48 -14.64 -25.18
CA LEU D 95 19.70 -14.21 -24.04
C LEU D 95 20.57 -13.57 -23.02
N ASN D 96 21.07 -12.43 -23.39
CA ASN D 96 22.08 -11.76 -22.60
C ASN D 96 22.05 -10.25 -22.64
N THR D 97 23.05 -9.65 -21.98
CA THR D 97 23.16 -8.22 -21.88
C THR D 97 24.32 -7.64 -22.64
N ASP D 98 24.22 -6.34 -22.84
CA ASP D 98 25.20 -5.52 -23.48
C ASP D 98 25.90 -4.51 -22.53
N ALA D 99 25.93 -4.80 -21.21
CA ALA D 99 26.49 -3.85 -20.25
C ALA D 99 27.16 -4.51 -19.02
N VAL D 100 28.04 -3.74 -18.35
CA VAL D 100 28.79 -4.23 -17.18
C VAL D 100 28.24 -3.81 -15.83
N ILE D 101 27.92 -4.80 -15.00
CA ILE D 101 27.36 -4.59 -13.67
C ILE D 101 28.11 -5.31 -12.56
N ASN D 102 28.50 -4.60 -11.49
CA ASN D 102 29.12 -5.27 -10.33
C ASN D 102 28.21 -5.30 -9.09
N ASN D 103 27.28 -4.36 -9.06
CA ASN D 103 26.42 -4.14 -7.94
C ASN D 103 25.12 -3.46 -8.40
N ILE D 104 24.24 -3.18 -7.45
CA ILE D 104 22.95 -2.57 -7.67
C ILE D 104 23.03 -1.22 -8.26
N GLU D 105 23.92 -0.42 -7.81
CA GLU D 105 24.01 0.90 -8.34
C GLU D 105 24.37 0.88 -9.81
N ASP D 106 25.23 -0.03 -10.23
CA ASP D 106 25.59 -0.06 -11.62
C ASP D 106 24.39 -0.46 -12.45
N ALA D 107 23.60 -1.40 -11.96
CA ALA D 107 22.45 -1.79 -12.72
C ALA D 107 21.46 -0.66 -12.89
N VAL D 108 21.27 0.14 -11.86
CA VAL D 108 20.28 1.20 -11.94
C VAL D 108 20.66 2.21 -12.98
N LYS D 109 21.94 2.54 -13.02
CA LYS D 109 22.50 3.53 -13.90
C LYS D 109 22.33 3.24 -15.38
N LEU D 110 22.02 2.03 -15.74
CA LEU D 110 21.85 1.80 -17.14
C LEU D 110 20.54 2.40 -17.63
N PHE D 111 19.52 2.52 -16.77
CA PHE D 111 18.25 3.05 -17.23
C PHE D 111 17.92 4.41 -16.65
N ILE D 112 18.32 4.67 -15.43
CA ILE D 112 18.01 5.94 -14.78
C ILE D 112 19.30 6.60 -14.33
N GLY D 113 19.50 7.86 -14.66
CA GLY D 113 20.75 8.51 -14.27
C GLY D 113 20.74 10.03 -14.41
N ASP D 114 21.91 10.63 -14.34
CA ASP D 114 22.07 12.08 -14.30
C ASP D 114 21.45 12.82 -15.47
N ASP D 115 21.42 12.23 -16.65
CA ASP D 115 20.81 12.90 -17.79
C ASP D 115 19.29 12.93 -17.68
N PHE D 116 18.73 12.04 -16.88
CA PHE D 116 17.30 12.00 -16.66
C PHE D 116 16.98 13.18 -15.79
N PHE D 117 17.84 13.38 -14.80
CA PHE D 117 17.62 14.48 -13.89
C PHE D 117 17.83 15.82 -14.60
N GLU D 118 18.82 15.94 -15.47
CA GLU D 118 18.97 17.23 -16.15
C GLU D 118 17.73 17.60 -16.89
N PHE D 119 17.14 16.63 -17.56
CA PHE D 119 15.91 16.87 -18.25
C PHE D 119 14.82 17.35 -17.30
N LEU D 120 14.62 16.66 -16.18
CA LEU D 120 13.55 17.09 -15.30
C LEU D 120 13.81 18.48 -14.73
N VAL D 121 15.06 18.79 -14.43
CA VAL D 121 15.36 20.08 -13.84
C VAL D 121 15.15 21.22 -14.79
N GLU D 122 15.57 21.05 -16.02
CA GLU D 122 15.42 22.14 -16.94
C GLU D 122 13.98 22.44 -17.17
N GLU D 123 13.16 21.42 -17.31
CA GLU D 123 11.80 21.73 -17.61
C GLU D 123 11.09 22.28 -16.42
N SER D 124 11.44 21.83 -15.24
CA SER D 124 10.77 22.31 -14.06
C SER D 124 11.00 23.80 -13.83
N ASN D 125 12.24 24.27 -14.02
CA ASN D 125 12.48 25.69 -13.80
C ASN D 125 11.75 26.52 -14.85
N ARG D 126 11.67 26.03 -16.09
CA ARG D 126 10.99 26.80 -17.10
C ARG D 126 9.52 26.94 -16.84
N TYR D 127 8.91 25.86 -16.39
CA TYR D 127 7.48 25.91 -16.15
C TYR D 127 7.11 26.92 -15.09
N TYR D 128 7.85 26.91 -13.99
CA TYR D 128 7.51 27.82 -12.92
C TYR D 128 7.56 29.25 -13.42
N ASN D 129 8.62 29.62 -14.13
CA ASN D 129 8.73 31.00 -14.55
C ASN D 129 7.60 31.42 -15.45
N GLN D 130 7.20 30.56 -16.35
CA GLN D 130 6.17 30.92 -17.28
C GLN D 130 4.88 31.22 -16.59
N ASN D 131 4.62 30.50 -15.53
CA ASN D 131 3.41 30.64 -14.80
C ASN D 131 3.57 31.28 -13.46
N ARG D 132 4.66 32.03 -13.27
CA ARG D 132 5.00 32.61 -11.96
C ARG D 132 3.98 33.55 -11.40
N ASN D 133 3.12 34.07 -12.23
CA ASN D 133 2.14 35.03 -11.79
C ASN D 133 1.11 34.45 -10.81
N ASN D 134 0.87 33.12 -10.80
CA ASN D 134 -0.11 32.60 -9.83
C ASN D 134 0.56 31.94 -8.66
N PHE D 135 1.80 32.32 -8.44
CA PHE D 135 2.55 31.86 -7.29
C PHE D 135 2.61 33.02 -6.32
N LYS D 136 1.76 34.01 -6.59
CA LYS D 136 1.51 35.26 -5.86
C LYS D 136 0.96 34.96 -4.49
N LEU D 137 0.49 33.74 -4.39
CA LEU D 137 -0.13 33.12 -3.25
C LEU D 137 0.96 32.95 -2.17
N SER D 138 2.22 33.02 -2.65
CA SER D 138 3.52 33.00 -1.98
C SER D 138 4.09 31.72 -1.40
N LYS D 139 5.38 31.84 -1.11
CA LYS D 139 6.30 30.82 -0.62
C LYS D 139 7.28 31.42 0.39
N LYS D 140 7.82 30.59 1.27
CA LYS D 140 8.82 31.10 2.22
C LYS D 140 10.05 31.63 1.51
N SER D 141 10.41 31.02 0.40
CA SER D 141 11.57 31.46 -0.32
C SER D 141 11.34 31.25 -1.77
N LEU D 142 12.07 31.98 -2.57
CA LEU D 142 11.88 31.91 -3.99
C LEU D 142 13.04 31.46 -4.84
N LYS D 143 13.85 30.53 -4.38
CA LYS D 143 14.93 30.10 -5.26
C LYS D 143 14.38 29.00 -6.13
N TRP D 144 13.38 29.32 -6.90
CA TRP D 144 12.69 28.25 -7.60
C TRP D 144 13.30 27.96 -8.90
N LYS D 145 14.21 28.80 -9.30
CA LYS D 145 14.90 28.67 -10.56
C LYS D 145 16.20 28.01 -10.32
N ASP D 146 16.45 27.69 -9.07
CA ASP D 146 17.72 27.23 -8.64
C ASP D 146 17.75 25.76 -8.39
N ILE D 147 16.84 25.04 -9.00
CA ILE D 147 16.83 23.62 -8.83
C ILE D 147 17.97 23.12 -9.69
N THR D 148 18.79 22.27 -9.13
CA THR D 148 19.91 21.66 -9.79
C THR D 148 19.70 20.15 -9.71
N PRO D 149 20.40 19.32 -10.49
CA PRO D 149 20.26 17.87 -10.52
C PRO D 149 20.39 17.17 -9.17
N GLN D 150 21.16 17.74 -8.26
CA GLN D 150 21.34 17.09 -6.97
C GLN D 150 20.15 17.26 -6.09
N GLU D 151 19.38 18.28 -6.34
CA GLU D 151 18.22 18.43 -5.54
C GLU D 151 17.15 17.54 -6.13
N MET D 152 17.12 17.43 -7.44
CA MET D 152 16.07 16.64 -8.05
C MET D 152 16.20 15.16 -7.70
N LYS D 153 17.42 14.66 -7.48
CA LYS D 153 17.56 13.26 -7.06
C LYS D 153 16.93 13.05 -5.73
N LYS D 154 17.03 14.03 -4.87
CA LYS D 154 16.45 13.86 -3.59
C LYS D 154 14.98 13.86 -3.73
N PHE D 155 14.46 14.70 -4.60
CA PHE D 155 13.03 14.76 -4.78
C PHE D 155 12.49 13.39 -5.20
N LEU D 156 13.11 12.79 -6.21
CA LEU D 156 12.64 11.50 -6.69
C LEU D 156 12.89 10.39 -5.70
N GLY D 157 14.03 10.40 -5.06
CA GLY D 157 14.36 9.35 -4.14
C GLY D 157 13.42 9.32 -3.00
N LEU D 158 12.98 10.47 -2.52
CA LEU D 158 12.08 10.42 -1.42
C LEU D 158 10.77 9.80 -1.84
N ILE D 159 10.31 10.07 -3.06
CA ILE D 159 9.02 9.49 -3.48
C ILE D 159 9.11 7.95 -3.51
N VAL D 160 10.21 7.41 -4.03
CA VAL D 160 10.39 5.96 -4.07
C VAL D 160 10.53 5.40 -2.68
N LEU D 161 11.26 6.09 -1.83
CA LEU D 161 11.47 5.65 -0.47
C LEU D 161 10.17 5.54 0.24
N MET D 162 9.21 6.41 -0.06
CA MET D 162 7.95 6.39 0.63
C MET D 162 7.24 5.08 0.51
N GLY D 163 7.53 4.27 -0.49
CA GLY D 163 6.82 3.02 -0.62
C GLY D 163 7.23 1.99 0.46
N GLN D 164 8.31 2.26 1.18
CA GLN D 164 8.73 1.38 2.24
C GLN D 164 8.02 1.70 3.54
N VAL D 165 7.58 2.94 3.71
CA VAL D 165 6.87 3.33 4.91
C VAL D 165 5.67 4.01 4.39
N ARG D 166 4.51 3.43 4.51
CA ARG D 166 3.42 4.06 3.82
C ARG D 166 2.47 4.83 4.69
N LYS D 167 2.35 6.11 4.37
CA LYS D 167 1.51 7.02 5.09
C LYS D 167 0.46 7.49 4.13
N ASP D 168 -0.61 8.05 4.64
CA ASP D 168 -1.72 8.46 3.80
C ASP D 168 -1.60 9.75 2.99
N ARG D 169 -0.83 10.72 3.45
CA ARG D 169 -0.77 11.96 2.69
C ARG D 169 0.63 12.39 2.50
N ARG D 170 0.90 13.11 1.44
CA ARG D 170 2.25 13.56 1.23
C ARG D 170 2.70 14.48 2.31
N ASP D 171 1.78 15.21 2.85
CA ASP D 171 2.14 16.20 3.84
C ASP D 171 2.34 15.62 5.21
N ASP D 172 2.11 14.35 5.38
CA ASP D 172 2.32 13.82 6.71
C ASP D 172 3.69 13.21 6.83
N TYR D 173 4.50 13.24 5.76
CA TYR D 173 5.82 12.69 5.94
C TYR D 173 6.67 13.73 6.59
N TRP D 174 6.47 14.94 6.22
CA TRP D 174 7.25 16.02 6.77
C TRP D 174 6.60 16.53 7.97
N THR D 175 6.63 15.76 8.99
CA THR D 175 5.96 16.21 10.16
C THR D 175 6.83 16.25 11.31
N THR D 176 6.30 16.85 12.33
CA THR D 176 6.95 16.96 13.60
C THR D 176 6.16 16.23 14.63
N GLU D 177 5.07 15.65 14.20
CA GLU D 177 4.23 14.98 15.13
C GLU D 177 4.99 13.75 15.59
N PRO D 178 5.33 13.63 16.87
CA PRO D 178 6.19 12.60 17.40
C PRO D 178 5.61 11.20 17.35
N TRP D 179 4.31 11.09 17.19
CA TRP D 179 3.65 9.81 17.24
C TRP D 179 3.88 8.93 16.03
N THR D 180 4.06 9.54 14.87
CA THR D 180 4.21 8.80 13.64
C THR D 180 5.31 9.39 12.82
N GLU D 181 6.30 9.89 13.50
CA GLU D 181 7.40 10.61 12.90
C GLU D 181 8.32 9.73 12.10
N THR D 182 8.76 10.26 10.98
CA THR D 182 9.75 9.63 10.13
C THR D 182 10.78 10.69 9.79
N PRO D 183 11.71 11.01 10.71
CA PRO D 183 12.62 12.13 10.71
C PRO D 183 13.52 12.24 9.53
N TYR D 184 13.76 11.16 8.86
CA TYR D 184 14.66 11.26 7.76
C TYR D 184 14.19 12.22 6.69
N PHE D 185 12.88 12.32 6.48
CA PHE D 185 12.45 13.18 5.40
C PHE D 185 12.76 14.62 5.72
N GLY D 186 12.54 14.99 6.98
CA GLY D 186 12.74 16.35 7.46
C GLY D 186 14.19 16.78 7.40
N LYS D 187 15.10 15.83 7.60
CA LYS D 187 16.53 16.06 7.51
C LYS D 187 17.04 16.08 6.08
N THR D 188 16.21 15.85 5.05
CA THR D 188 16.75 15.78 3.71
C THR D 188 16.36 17.00 2.88
N MET D 189 15.09 17.40 2.98
CA MET D 189 14.53 18.57 2.27
C MET D 189 13.54 19.23 3.16
N THR D 190 13.33 20.52 3.02
CA THR D 190 12.30 21.10 3.86
C THR D 190 10.94 20.86 3.28
N ARG D 191 9.92 21.05 4.08
CA ARG D 191 8.57 20.78 3.63
C ARG D 191 8.12 21.68 2.51
N ASP D 192 8.52 22.94 2.59
CA ASP D 192 8.06 23.87 1.63
C ASP D 192 8.85 23.77 0.38
N ARG D 193 10.11 23.39 0.50
CA ARG D 193 10.87 23.28 -0.69
C ARG D 193 10.35 22.11 -1.51
N PHE D 194 9.94 21.03 -0.84
CA PHE D 194 9.43 19.89 -1.58
C PHE D 194 8.17 20.31 -2.31
N ARG D 195 7.27 21.03 -1.63
CA ARG D 195 6.05 21.44 -2.31
C ARG D 195 6.30 22.35 -3.46
N GLN D 196 7.26 23.26 -3.34
CA GLN D 196 7.55 24.16 -4.42
C GLN D 196 8.03 23.39 -5.65
N ILE D 197 8.86 22.40 -5.43
CA ILE D 197 9.35 21.60 -6.53
C ILE D 197 8.24 20.80 -7.10
N TRP D 198 7.38 20.25 -6.26
CA TRP D 198 6.28 19.45 -6.73
C TRP D 198 5.45 20.23 -7.71
N LYS D 199 5.06 21.46 -7.38
CA LYS D 199 4.22 22.21 -8.30
C LYS D 199 4.89 22.48 -9.60
N ALA D 200 6.18 22.64 -9.54
CA ALA D 200 6.99 22.89 -10.71
C ALA D 200 7.39 21.63 -11.45
N TRP D 201 7.04 20.46 -10.97
CA TRP D 201 7.48 19.27 -11.67
C TRP D 201 6.65 19.21 -12.92
N HIS D 202 7.33 19.16 -14.05
CA HIS D 202 6.70 19.26 -15.34
C HIS D 202 7.54 18.53 -16.34
N PHE D 203 6.92 17.98 -17.35
CA PHE D 203 7.66 17.19 -18.30
C PHE D 203 7.83 17.71 -19.72
N ASN D 204 7.46 18.94 -20.07
CA ASN D 204 7.62 19.27 -21.50
C ASN D 204 7.82 20.75 -21.80
N ASN D 205 7.99 21.06 -23.07
CA ASN D 205 8.25 22.44 -23.47
C ASN D 205 7.17 23.47 -23.14
N ASN D 206 5.92 23.07 -23.24
CA ASN D 206 4.76 23.90 -23.01
C ASN D 206 4.54 25.08 -23.95
N ALA D 207 5.29 25.20 -25.04
CA ALA D 207 5.00 26.26 -25.97
C ALA D 207 5.34 25.92 -27.40
N ASP D 208 5.61 24.65 -27.69
CA ASP D 208 5.96 24.26 -29.05
C ASP D 208 4.82 23.71 -29.87
N ILE D 209 3.88 23.08 -29.19
CA ILE D 209 2.74 22.49 -29.85
C ILE D 209 1.51 23.34 -29.63
N VAL D 210 1.08 23.93 -30.73
CA VAL D 210 -0.06 24.82 -30.70
C VAL D 210 -1.16 24.43 -31.67
N ASN D 211 -0.89 23.46 -32.53
CA ASN D 211 -1.82 23.08 -33.58
C ASN D 211 -3.01 22.21 -33.21
N GLU D 212 -2.96 21.48 -32.09
CA GLU D 212 -4.07 20.62 -31.75
C GLU D 212 -4.22 20.42 -30.25
N SER D 213 -5.44 20.15 -29.81
CA SER D 213 -5.74 19.84 -28.42
C SER D 213 -5.52 18.36 -28.19
N ASP D 214 -4.26 17.99 -28.28
CA ASP D 214 -3.77 16.63 -28.27
C ASP D 214 -3.84 15.85 -26.97
N ARG D 215 -3.38 16.46 -25.90
CA ARG D 215 -3.34 15.83 -24.60
C ARG D 215 -2.58 14.50 -24.59
N LEU D 216 -1.52 14.35 -25.39
CA LEU D 216 -0.70 13.15 -25.36
C LEU D 216 0.77 13.50 -25.27
N CYS D 217 1.13 14.53 -26.00
CA CYS D 217 2.49 15.02 -26.21
C CYS D 217 3.13 15.50 -24.95
N LYS D 218 2.31 15.67 -23.94
CA LYS D 218 2.71 16.13 -22.67
C LYS D 218 3.63 15.15 -21.94
N VAL D 219 3.46 13.83 -22.16
CA VAL D 219 4.33 12.86 -21.51
C VAL D 219 5.18 12.16 -22.52
N ARG D 220 4.87 12.37 -23.77
CA ARG D 220 5.63 11.80 -24.84
C ARG D 220 7.16 11.87 -24.66
N PRO D 221 7.80 13.01 -24.33
CA PRO D 221 9.24 13.11 -24.19
C PRO D 221 9.82 12.29 -23.02
N VAL D 222 8.97 11.84 -22.08
CA VAL D 222 9.47 11.02 -20.98
C VAL D 222 9.61 9.61 -21.54
N LEU D 223 8.61 9.17 -22.26
CA LEU D 223 8.65 7.84 -22.80
C LEU D 223 9.79 7.71 -23.77
N ASP D 224 10.05 8.78 -24.52
CA ASP D 224 11.10 8.79 -25.51
C ASP D 224 12.46 8.59 -24.90
N TYR D 225 12.61 8.89 -23.63
CA TYR D 225 13.86 8.73 -22.96
C TYR D 225 14.16 7.28 -22.71
N PHE D 226 13.17 6.58 -22.16
CA PHE D 226 13.36 5.18 -21.74
C PHE D 226 13.26 4.11 -22.82
N VAL D 227 12.48 4.33 -23.86
CA VAL D 227 12.29 3.22 -24.78
C VAL D 227 13.52 2.62 -25.38
N PRO D 228 14.47 3.36 -25.91
CA PRO D 228 15.65 2.81 -26.53
C PRO D 228 16.49 2.03 -25.56
N LYS D 229 16.31 2.22 -24.26
CA LYS D 229 17.12 1.52 -23.31
C LYS D 229 16.55 0.14 -23.09
N PHE D 230 15.24 0.01 -23.19
CA PHE D 230 14.67 -1.31 -22.95
C PHE D 230 15.10 -2.20 -24.09
N ILE D 231 15.27 -1.60 -25.24
CA ILE D 231 15.73 -2.28 -26.43
C ILE D 231 17.24 -2.58 -26.42
N ASN D 232 18.10 -1.62 -26.05
CA ASN D 232 19.54 -1.87 -26.13
C ASN D 232 20.28 -2.39 -24.90
N ILE D 233 19.65 -2.60 -23.75
CA ILE D 233 20.38 -3.20 -22.66
C ILE D 233 20.35 -4.71 -22.66
N TYR D 234 19.18 -5.31 -22.94
CA TYR D 234 18.97 -6.77 -22.84
C TYR D 234 18.08 -7.40 -23.91
N LYS D 235 18.42 -8.60 -24.38
CA LYS D 235 17.54 -9.28 -25.32
C LYS D 235 16.89 -10.51 -24.68
N PRO D 236 15.59 -10.76 -24.91
CA PRO D 236 14.72 -11.82 -24.39
C PRO D 236 14.78 -13.25 -24.99
N HIS D 237 14.15 -14.19 -24.25
CA HIS D 237 13.88 -15.62 -24.52
C HIS D 237 12.98 -15.86 -25.67
N GLN D 238 13.08 -17.06 -26.22
CA GLN D 238 12.26 -17.44 -27.34
C GLN D 238 10.79 -17.14 -27.14
N GLN D 239 10.26 -17.31 -25.95
CA GLN D 239 8.86 -17.00 -25.76
C GLN D 239 8.59 -15.63 -25.12
N LEU D 240 7.76 -14.84 -25.79
CA LEU D 240 7.30 -13.50 -25.40
C LEU D 240 5.79 -13.47 -25.26
N SER D 241 5.27 -12.51 -24.52
CA SER D 241 3.82 -12.37 -24.48
C SER D 241 3.35 -10.93 -24.46
N LEU D 242 2.09 -10.73 -24.85
CA LEU D 242 1.50 -9.38 -24.84
C LEU D 242 0.48 -9.21 -23.80
N ASP D 243 0.37 -8.01 -23.31
CA ASP D 243 -0.70 -7.69 -22.38
C ASP D 243 -0.96 -6.20 -22.36
N GLU D 244 -1.95 -5.80 -21.59
CA GLU D 244 -2.28 -4.41 -21.36
C GLU D 244 -2.44 -4.18 -19.83
N GLY D 245 -1.40 -3.60 -19.17
CA GLY D 245 -1.20 -3.43 -17.68
C GLY D 245 -1.69 -2.11 -17.14
N ILE D 246 -0.93 -1.44 -16.23
CA ILE D 246 -1.34 -0.13 -15.64
C ILE D 246 -2.11 -0.07 -14.30
N VAL D 247 -1.72 1.00 -13.58
CA VAL D 247 -2.10 1.46 -12.24
C VAL D 247 -3.52 1.97 -12.05
N PRO D 248 -4.20 1.60 -10.96
CA PRO D 248 -5.55 1.97 -10.62
C PRO D 248 -5.61 3.33 -10.00
N TRP D 249 -5.21 4.33 -10.73
CA TRP D 249 -5.06 5.66 -10.14
C TRP D 249 -6.01 6.81 -10.54
N ARG D 250 -7.25 6.57 -10.96
CA ARG D 250 -8.16 7.68 -11.27
C ARG D 250 -7.66 8.70 -12.27
N GLY D 251 -7.13 8.23 -13.36
CA GLY D 251 -6.65 9.12 -14.36
C GLY D 251 -7.83 9.67 -15.10
N ARG D 252 -7.57 10.51 -16.07
CA ARG D 252 -8.65 11.19 -16.74
C ARG D 252 -8.93 10.91 -18.17
N LEU D 253 -8.40 9.88 -18.71
CA LEU D 253 -8.68 9.64 -20.10
C LEU D 253 -9.32 8.24 -20.32
N PHE D 254 -10.51 8.23 -20.95
CA PHE D 254 -11.29 7.02 -21.21
C PHE D 254 -11.60 6.60 -22.60
N PHE D 255 -11.00 5.48 -22.94
CA PHE D 255 -11.12 4.84 -24.23
C PHE D 255 -11.49 3.39 -23.99
N ARG D 256 -12.27 3.12 -22.94
CA ARG D 256 -12.60 1.75 -22.54
C ARG D 256 -13.32 0.97 -23.57
N VAL D 257 -14.01 1.67 -24.41
CA VAL D 257 -14.82 1.11 -25.44
C VAL D 257 -14.00 0.44 -26.51
N TYR D 258 -12.70 0.68 -26.55
CA TYR D 258 -11.89 0.08 -27.57
C TYR D 258 -11.02 -1.01 -27.02
N ASN D 259 -11.24 -1.44 -25.80
CA ASN D 259 -10.30 -2.42 -25.29
C ASN D 259 -10.45 -3.78 -25.99
N ALA D 260 -9.35 -4.52 -25.94
CA ALA D 260 -9.22 -5.87 -26.45
C ALA D 260 -8.86 -6.83 -25.33
N GLY D 261 -9.29 -6.51 -24.12
CA GLY D 261 -8.95 -7.25 -22.92
C GLY D 261 -8.39 -6.23 -21.95
N LYS D 262 -8.26 -6.57 -20.67
CA LYS D 262 -7.78 -5.53 -19.76
C LYS D 262 -7.19 -5.95 -18.44
N ILE D 263 -6.43 -5.03 -17.91
CA ILE D 263 -5.94 -4.95 -16.56
C ILE D 263 -6.45 -3.60 -16.18
N VAL D 264 -6.84 -3.37 -14.94
CA VAL D 264 -7.40 -2.06 -14.70
C VAL D 264 -6.41 -1.09 -15.17
N LYS D 265 -6.88 -0.15 -15.96
CA LYS D 265 -6.04 0.83 -16.59
C LYS D 265 -6.51 2.25 -16.55
N TYR D 266 -5.58 3.15 -16.31
CA TYR D 266 -5.91 4.52 -16.39
C TYR D 266 -5.22 5.32 -17.40
N GLY D 267 -6.02 6.23 -17.90
CA GLY D 267 -5.65 7.24 -18.85
C GLY D 267 -5.65 6.79 -20.29
N ILE D 268 -4.63 6.09 -20.65
CA ILE D 268 -4.47 5.78 -22.03
C ILE D 268 -4.22 4.34 -22.31
N LEU D 269 -4.38 3.96 -23.53
CA LEU D 269 -4.13 2.61 -23.91
C LEU D 269 -2.67 2.31 -23.71
N VAL D 270 -2.32 1.19 -23.07
CA VAL D 270 -0.92 0.84 -22.90
C VAL D 270 -0.64 -0.56 -23.36
N ARG D 271 0.31 -0.67 -24.25
CA ARG D 271 0.70 -1.94 -24.80
C ARG D 271 2.02 -2.43 -24.32
N LEU D 272 2.06 -3.62 -23.71
CA LEU D 272 3.32 -4.15 -23.26
C LEU D 272 3.72 -5.39 -23.98
N LEU D 273 4.99 -5.50 -24.27
CA LEU D 273 5.56 -6.73 -24.77
C LEU D 273 6.56 -7.18 -23.77
N CYS D 274 6.38 -8.38 -23.23
CA CYS D 274 7.25 -8.92 -22.18
C CYS D 274 7.87 -10.30 -22.41
N GLU D 275 9.04 -10.53 -21.82
CA GLU D 275 9.68 -11.85 -21.84
C GLU D 275 8.86 -12.83 -20.99
N SER D 276 8.56 -14.05 -21.50
CA SER D 276 7.66 -14.92 -20.74
C SER D 276 8.15 -15.50 -19.43
N ASP D 277 9.44 -15.59 -19.25
CA ASP D 277 9.95 -16.15 -18.00
C ASP D 277 10.32 -15.15 -16.94
N THR D 278 10.73 -13.94 -17.34
CA THR D 278 11.31 -13.01 -16.40
C THR D 278 10.47 -11.77 -16.12
N GLY D 279 9.57 -11.39 -17.02
CA GLY D 279 8.80 -10.18 -16.83
C GLY D 279 9.45 -8.92 -17.40
N TYR D 280 10.61 -9.04 -18.02
CA TYR D 280 11.34 -7.89 -18.59
C TYR D 280 10.53 -7.23 -19.69
N ILE D 281 10.47 -5.91 -19.67
CA ILE D 281 9.71 -5.21 -20.69
C ILE D 281 10.56 -4.96 -21.88
N CYS D 282 10.12 -5.48 -23.01
CA CYS D 282 10.84 -5.41 -24.27
C CYS D 282 10.46 -4.23 -25.11
N ASN D 283 9.22 -3.82 -24.98
CA ASN D 283 8.70 -2.65 -25.67
C ASN D 283 7.52 -2.11 -24.94
N MET D 284 7.23 -0.86 -25.18
CA MET D 284 6.04 -0.25 -24.65
C MET D 284 5.54 0.81 -25.62
N GLU D 285 4.23 0.90 -25.75
CA GLU D 285 3.63 1.96 -26.54
C GLU D 285 2.40 2.47 -25.85
N ILE D 286 2.15 3.78 -25.90
CA ILE D 286 0.99 4.29 -25.23
C ILE D 286 0.06 5.02 -26.20
N TYR D 287 -1.24 5.00 -25.89
CA TYR D 287 -2.31 5.63 -26.65
C TYR D 287 -2.08 5.35 -28.10
N CYS D 288 -2.17 4.11 -28.48
CA CYS D 288 -1.83 3.79 -29.86
C CYS D 288 -2.79 4.49 -30.85
N GLY D 289 -3.95 4.89 -30.37
CA GLY D 289 -5.00 5.55 -31.11
C GLY D 289 -6.32 5.08 -30.54
N GLU D 290 -7.43 5.75 -30.82
CA GLU D 290 -8.69 5.31 -30.23
C GLU D 290 -9.40 4.20 -30.97
N GLY D 291 -8.75 3.06 -30.94
CA GLY D 291 -9.19 1.80 -31.51
C GLY D 291 -8.70 1.64 -32.93
N LYS D 292 -8.33 2.74 -33.55
CA LYS D 292 -7.90 2.78 -34.92
C LYS D 292 -6.61 2.04 -35.19
N ARG D 293 -5.79 1.91 -34.16
CA ARG D 293 -4.54 1.20 -34.31
C ARG D 293 -4.48 -0.03 -33.43
N LEU D 294 -5.61 -0.54 -32.93
CA LEU D 294 -5.49 -1.71 -32.06
C LEU D 294 -5.67 -3.02 -32.80
N LEU D 295 -5.89 -2.94 -34.10
CA LEU D 295 -6.02 -4.07 -34.98
C LEU D 295 -4.68 -4.10 -35.59
N GLU D 296 -4.21 -5.25 -36.06
CA GLU D 296 -2.81 -5.28 -36.47
C GLU D 296 -2.10 -4.79 -35.22
N THR D 297 -2.57 -5.43 -34.15
CA THR D 297 -2.30 -5.22 -32.76
C THR D 297 -0.86 -5.14 -32.40
N ILE D 298 -0.06 -5.97 -33.00
CA ILE D 298 1.33 -5.99 -32.63
C ILE D 298 2.23 -5.42 -33.68
N GLN D 299 1.70 -4.84 -34.72
CA GLN D 299 2.64 -4.44 -35.74
C GLN D 299 3.59 -3.34 -35.31
N THR D 300 3.19 -2.50 -34.37
CA THR D 300 4.00 -1.41 -33.88
C THR D 300 4.75 -1.80 -32.63
N VAL D 301 4.55 -3.02 -32.20
CA VAL D 301 5.06 -3.48 -30.95
C VAL D 301 6.23 -4.39 -31.12
N VAL D 302 6.13 -5.29 -32.06
CA VAL D 302 7.17 -6.27 -32.19
C VAL D 302 8.04 -5.93 -33.35
N SER D 303 7.88 -4.76 -33.91
CA SER D 303 8.69 -4.35 -35.02
C SER D 303 10.20 -4.53 -34.79
N PRO D 304 10.82 -4.09 -33.68
CA PRO D 304 12.23 -4.25 -33.47
C PRO D 304 12.66 -5.70 -33.22
N TYR D 305 11.70 -6.59 -33.05
CA TYR D 305 11.96 -7.98 -32.75
C TYR D 305 11.70 -8.87 -33.94
N THR D 306 11.52 -8.30 -35.13
CA THR D 306 11.21 -9.20 -36.20
C THR D 306 12.39 -10.01 -36.58
N ASP D 307 12.13 -11.07 -37.31
CA ASP D 307 13.12 -11.98 -37.83
C ASP D 307 13.87 -12.74 -36.78
N SER D 308 13.40 -12.69 -35.53
CA SER D 308 14.03 -13.39 -34.41
C SER D 308 13.31 -14.66 -33.96
N TRP D 309 12.27 -15.06 -34.67
CA TRP D 309 11.51 -16.26 -34.32
C TRP D 309 11.05 -16.29 -32.92
N TYR D 310 10.57 -15.19 -32.45
CA TYR D 310 10.04 -15.23 -31.15
C TYR D 310 8.68 -15.84 -31.29
N HIS D 311 8.27 -16.53 -30.27
CA HIS D 311 6.95 -17.09 -30.27
C HIS D 311 6.16 -16.22 -29.39
N ILE D 312 5.02 -15.78 -29.87
CA ILE D 312 4.24 -14.85 -29.10
C ILE D 312 2.97 -15.42 -28.60
N TYR D 313 2.82 -15.35 -27.32
CA TYR D 313 1.63 -15.83 -26.70
C TYR D 313 0.77 -14.59 -26.40
N MET D 314 -0.47 -14.62 -26.81
CA MET D 314 -1.34 -13.47 -26.62
C MET D 314 -2.74 -13.85 -26.32
N ASP D 315 -3.47 -12.95 -25.71
CA ASP D 315 -4.86 -13.13 -25.44
C ASP D 315 -5.70 -11.95 -25.92
N ASN D 316 -5.21 -11.20 -26.90
CA ASN D 316 -5.97 -10.07 -27.36
C ASN D 316 -7.21 -10.54 -28.05
N TYR D 317 -8.23 -9.75 -27.96
CA TYR D 317 -9.52 -10.10 -28.50
C TYR D 317 -9.72 -9.83 -29.95
N TYR D 318 -8.73 -9.30 -30.59
CA TYR D 318 -8.86 -8.96 -31.97
C TYR D 318 -7.90 -9.69 -32.90
N ASN D 319 -7.61 -10.94 -32.55
CA ASN D 319 -6.76 -11.72 -33.41
C ASN D 319 -7.64 -12.33 -34.49
N SER D 320 -7.05 -13.06 -35.42
CA SER D 320 -7.80 -13.70 -36.47
C SER D 320 -6.97 -14.73 -37.13
N VAL D 321 -7.59 -15.52 -37.98
CA VAL D 321 -6.84 -16.45 -38.78
C VAL D 321 -6.04 -15.70 -39.82
N ALA D 322 -6.64 -14.71 -40.43
CA ALA D 322 -5.95 -13.97 -41.46
C ALA D 322 -4.71 -13.31 -40.92
N ASN D 323 -4.78 -12.90 -39.68
CA ASN D 323 -3.69 -12.19 -39.06
C ASN D 323 -2.48 -13.07 -38.95
N CYS D 324 -2.67 -14.37 -38.96
CA CYS D 324 -1.57 -15.24 -38.72
C CYS D 324 -0.59 -15.21 -39.84
N GLU D 325 -1.02 -14.76 -41.01
CA GLU D 325 -0.10 -14.75 -42.09
C GLU D 325 0.87 -13.61 -41.88
N ALA D 326 0.38 -12.52 -41.32
CA ALA D 326 1.24 -11.36 -41.13
C ALA D 326 2.33 -11.71 -40.18
N LEU D 327 1.98 -12.51 -39.21
CA LEU D 327 2.96 -12.85 -38.25
C LEU D 327 3.98 -13.74 -38.94
N MET D 328 3.55 -14.63 -39.83
CA MET D 328 4.56 -15.44 -40.48
C MET D 328 5.44 -14.64 -41.39
N LYS D 329 4.92 -13.59 -41.97
CA LYS D 329 5.74 -12.79 -42.86
C LYS D 329 6.91 -12.19 -42.11
N ASN D 330 6.70 -11.86 -40.85
CA ASN D 330 7.72 -11.28 -40.01
C ASN D 330 8.41 -12.30 -39.10
N LYS D 331 8.20 -13.58 -39.43
CA LYS D 331 8.76 -14.73 -38.74
C LYS D 331 8.40 -14.87 -37.29
N PHE D 332 7.14 -14.70 -36.99
CA PHE D 332 6.68 -14.94 -35.65
C PHE D 332 5.73 -16.11 -35.64
N ARG D 333 5.69 -16.83 -34.53
CA ARG D 333 4.73 -17.92 -34.35
C ARG D 333 3.83 -17.51 -33.24
N ILE D 334 2.56 -17.85 -33.30
CA ILE D 334 1.69 -17.40 -32.25
C ILE D 334 0.84 -18.44 -31.62
N CYS D 335 0.34 -18.08 -30.47
CA CYS D 335 -0.67 -18.87 -29.84
C CYS D 335 -1.57 -17.98 -29.04
N GLY D 336 -2.87 -18.20 -29.14
CA GLY D 336 -3.82 -17.38 -28.39
C GLY D 336 -5.26 -17.76 -28.64
N THR D 337 -6.17 -17.01 -28.06
CA THR D 337 -7.57 -17.29 -28.24
C THR D 337 -8.05 -16.65 -29.50
N ILE D 338 -9.18 -17.10 -29.97
CA ILE D 338 -9.79 -16.52 -31.14
C ILE D 338 -11.27 -16.30 -30.91
N ARG D 339 -11.79 -15.22 -31.44
CA ARG D 339 -13.19 -14.87 -31.34
C ARG D 339 -13.98 -15.67 -32.35
N LYS D 340 -15.29 -15.84 -32.13
CA LYS D 340 -16.07 -16.64 -33.07
C LYS D 340 -16.44 -15.90 -34.36
N ASN D 341 -16.57 -14.59 -34.30
CA ASN D 341 -16.96 -13.83 -35.47
C ASN D 341 -15.71 -13.45 -36.26
N ARG D 342 -15.09 -14.49 -36.77
CA ARG D 342 -13.80 -14.45 -37.42
C ARG D 342 -13.77 -15.50 -38.49
N GLY D 343 -12.70 -15.55 -39.27
CA GLY D 343 -12.58 -16.51 -40.38
C GLY D 343 -12.35 -17.95 -39.94
N ILE D 344 -13.34 -18.46 -39.24
CA ILE D 344 -13.42 -19.81 -38.73
C ILE D 344 -14.33 -20.57 -39.69
N PRO D 345 -13.90 -21.65 -40.31
CA PRO D 345 -14.68 -22.37 -41.26
C PRO D 345 -16.01 -22.69 -40.63
N LYS D 346 -17.06 -22.54 -41.41
CA LYS D 346 -18.42 -22.68 -40.95
C LYS D 346 -18.78 -24.02 -40.39
N ASP D 347 -18.09 -25.06 -40.78
CA ASP D 347 -18.48 -26.38 -40.33
C ASP D 347 -17.99 -26.65 -38.93
N PHE D 348 -17.20 -25.74 -38.41
CA PHE D 348 -16.67 -25.88 -37.09
C PHE D 348 -17.41 -24.93 -36.19
N GLN D 349 -18.37 -24.21 -36.75
CA GLN D 349 -19.08 -23.25 -35.96
C GLN D 349 -20.34 -23.85 -35.36
N THR D 350 -20.69 -25.02 -35.84
CA THR D 350 -21.89 -25.70 -35.42
C THR D 350 -21.54 -27.09 -34.99
N ILE D 351 -20.93 -27.20 -33.82
CA ILE D 351 -20.42 -28.46 -33.35
C ILE D 351 -20.90 -28.69 -31.94
N SER D 352 -20.88 -29.93 -31.49
CA SER D 352 -21.25 -30.27 -30.12
C SER D 352 -20.31 -31.31 -29.57
N LEU D 353 -19.79 -30.99 -28.41
CA LEU D 353 -18.79 -31.80 -27.75
C LEU D 353 -19.27 -32.27 -26.40
N LYS D 354 -18.79 -33.41 -25.97
CA LYS D 354 -19.03 -33.89 -24.64
C LYS D 354 -18.01 -33.23 -23.76
N LYS D 355 -18.29 -33.07 -22.49
CA LYS D 355 -17.26 -32.43 -21.69
C LYS D 355 -15.99 -33.25 -21.76
N GLY D 356 -14.87 -32.56 -21.99
CA GLY D 356 -13.58 -33.22 -22.08
C GLY D 356 -13.23 -33.67 -23.49
N GLU D 357 -14.18 -33.57 -24.39
CA GLU D 357 -14.01 -33.93 -25.76
C GLU D 357 -13.34 -32.80 -26.47
N THR D 358 -12.59 -33.13 -27.49
CA THR D 358 -11.99 -32.13 -28.32
C THR D 358 -12.28 -32.31 -29.76
N LYS D 359 -12.21 -31.23 -30.48
CA LYS D 359 -12.32 -31.29 -31.90
C LYS D 359 -11.20 -30.53 -32.50
N PHE D 360 -10.64 -31.06 -33.54
CA PHE D 360 -9.57 -30.35 -34.15
C PHE D 360 -9.73 -30.29 -35.59
N ILE D 361 -9.49 -29.13 -36.14
CA ILE D 361 -9.42 -29.02 -37.57
C ILE D 361 -8.20 -28.24 -37.92
N ARG D 362 -7.71 -28.36 -39.13
CA ARG D 362 -6.65 -27.48 -39.48
C ARG D 362 -6.68 -27.13 -40.92
N LYS D 363 -6.04 -26.04 -41.21
CA LYS D 363 -5.80 -25.65 -42.56
C LYS D 363 -4.35 -25.34 -42.57
N ASN D 364 -3.63 -25.83 -43.55
CA ASN D 364 -2.20 -25.62 -43.57
C ASN D 364 -1.63 -26.04 -42.21
N ASP D 365 -0.91 -25.12 -41.53
CA ASP D 365 -0.32 -25.35 -40.23
C ASP D 365 -1.00 -24.60 -39.11
N ILE D 366 -2.20 -24.14 -39.36
CA ILE D 366 -2.92 -23.47 -38.34
C ILE D 366 -3.93 -24.35 -37.74
N LEU D 367 -3.78 -24.56 -36.47
CA LEU D 367 -4.67 -25.40 -35.76
C LEU D 367 -5.74 -24.63 -35.08
N LEU D 368 -6.96 -25.05 -35.30
CA LEU D 368 -8.06 -24.47 -34.61
C LEU D 368 -8.59 -25.55 -33.77
N GLN D 369 -8.64 -25.34 -32.48
CA GLN D 369 -9.10 -26.43 -31.67
C GLN D 369 -10.10 -25.99 -30.69
N VAL D 370 -10.96 -26.92 -30.32
CA VAL D 370 -11.89 -26.68 -29.26
C VAL D 370 -11.83 -27.70 -28.21
N TRP D 371 -11.68 -27.26 -27.00
CA TRP D 371 -11.73 -28.17 -25.88
C TRP D 371 -13.02 -27.81 -25.22
N GLN D 372 -13.78 -28.78 -24.76
CA GLN D 372 -15.02 -28.39 -24.12
C GLN D 372 -14.97 -28.33 -22.62
N SER D 373 -15.26 -27.14 -22.10
CA SER D 373 -15.30 -26.83 -20.69
C SER D 373 -16.67 -26.33 -20.38
N LYS D 374 -16.81 -25.50 -19.37
CA LYS D 374 -18.12 -24.96 -19.13
C LYS D 374 -18.50 -24.18 -20.38
N LYS D 375 -17.50 -23.56 -20.96
CA LYS D 375 -17.63 -22.85 -22.19
C LYS D 375 -16.79 -23.64 -23.15
N PRO D 376 -17.06 -23.62 -24.42
CA PRO D 376 -16.15 -24.19 -25.36
C PRO D 376 -14.98 -23.27 -25.31
N VAL D 377 -13.78 -23.80 -25.40
CA VAL D 377 -12.61 -22.98 -25.39
C VAL D 377 -11.93 -23.04 -26.71
N TYR D 378 -11.77 -21.91 -27.34
CA TYR D 378 -11.18 -21.90 -28.65
C TYR D 378 -9.77 -21.42 -28.60
N LEU D 379 -8.92 -22.12 -29.31
CA LEU D 379 -7.53 -21.77 -29.38
C LEU D 379 -6.99 -21.86 -30.78
N ILE D 380 -6.22 -20.87 -31.15
CA ILE D 380 -5.57 -20.85 -32.42
C ILE D 380 -4.09 -20.96 -32.25
N SER D 381 -3.48 -21.82 -33.03
CA SER D 381 -2.05 -21.94 -32.94
C SER D 381 -1.30 -22.28 -34.18
N SER D 382 -0.11 -21.72 -34.27
CA SER D 382 0.81 -22.00 -35.35
C SER D 382 2.08 -22.61 -34.83
N ILE D 383 1.98 -23.24 -33.66
CA ILE D 383 3.10 -23.93 -33.02
C ILE D 383 2.97 -25.48 -32.83
N HIS D 384 1.84 -25.93 -32.28
CA HIS D 384 1.64 -27.29 -31.77
C HIS D 384 0.90 -28.28 -32.65
N SER D 385 1.14 -29.59 -32.41
CA SER D 385 0.38 -30.71 -33.00
C SER D 385 -0.93 -30.87 -32.26
N ALA D 386 -1.91 -31.57 -32.85
CA ALA D 386 -3.18 -31.80 -32.16
C ALA D 386 -3.11 -33.03 -31.30
N GLU D 387 -2.31 -32.97 -30.27
CA GLU D 387 -2.16 -34.11 -29.41
C GLU D 387 -2.64 -33.83 -28.03
N MET D 388 -3.10 -34.87 -27.37
CA MET D 388 -3.61 -34.75 -26.03
C MET D 388 -2.61 -35.22 -25.03
N GLU D 389 -2.58 -34.59 -23.88
CA GLU D 389 -1.68 -35.01 -22.82
C GLU D 389 -2.24 -34.75 -21.43
N GLU D 390 -1.79 -35.50 -20.46
CA GLU D 390 -2.26 -35.29 -19.11
C GLU D 390 -1.80 -33.97 -18.59
N SER D 391 -2.71 -33.25 -17.97
CA SER D 391 -2.39 -32.00 -17.32
C SER D 391 -2.18 -32.29 -15.88
N GLN D 392 -1.74 -31.30 -15.14
CA GLN D 392 -1.53 -31.44 -13.72
C GLN D 392 -2.82 -31.35 -12.93
N ASN D 393 -3.91 -31.01 -13.58
CA ASN D 393 -5.20 -30.90 -12.91
C ASN D 393 -5.85 -32.22 -12.57
N ILE D 394 -6.45 -32.22 -11.39
CA ILE D 394 -7.19 -33.31 -10.80
C ILE D 394 -8.66 -32.97 -10.70
N ASP D 395 -9.53 -33.89 -11.09
CA ASP D 395 -10.95 -33.64 -10.97
C ASP D 395 -11.33 -33.89 -9.54
N ARG D 396 -12.37 -33.25 -9.04
CA ARG D 396 -12.77 -33.54 -7.68
C ARG D 396 -13.20 -34.98 -7.50
N THR D 397 -13.61 -35.64 -8.60
CA THR D 397 -14.03 -37.02 -8.53
C THR D 397 -12.96 -37.98 -9.04
N SER D 398 -11.83 -37.46 -9.52
CA SER D 398 -10.82 -38.35 -10.08
C SER D 398 -9.37 -37.90 -10.01
N LYS D 399 -8.58 -38.81 -9.49
CA LYS D 399 -7.16 -38.61 -9.30
C LYS D 399 -6.39 -39.05 -10.53
N LYS D 400 -7.12 -39.44 -11.56
CA LYS D 400 -6.52 -39.89 -12.80
C LYS D 400 -6.06 -38.71 -13.64
N LYS D 401 -6.45 -37.50 -13.24
CA LYS D 401 -6.12 -36.26 -13.94
C LYS D 401 -6.92 -36.02 -15.20
N ILE D 402 -6.89 -34.78 -15.64
CA ILE D 402 -7.57 -34.32 -16.84
C ILE D 402 -6.61 -34.17 -18.02
N VAL D 403 -6.97 -34.75 -19.15
CA VAL D 403 -6.17 -34.69 -20.37
C VAL D 403 -6.62 -33.54 -21.29
N LYS D 404 -5.66 -32.72 -21.69
CA LYS D 404 -5.93 -31.54 -22.50
C LYS D 404 -4.99 -31.44 -23.68
N PRO D 405 -5.30 -30.68 -24.73
CA PRO D 405 -4.45 -30.50 -25.86
C PRO D 405 -3.17 -29.95 -25.35
N ASN D 406 -2.08 -30.40 -25.92
CA ASN D 406 -0.79 -29.93 -25.47
C ASN D 406 -0.64 -28.44 -25.65
N ALA D 407 -1.29 -27.90 -26.66
CA ALA D 407 -1.24 -26.49 -26.96
C ALA D 407 -1.82 -25.65 -25.87
N LEU D 408 -2.86 -26.14 -25.22
CA LEU D 408 -3.50 -25.37 -24.20
C LEU D 408 -2.69 -25.40 -22.98
N ILE D 409 -2.09 -26.54 -22.71
CA ILE D 409 -1.29 -26.64 -21.53
C ILE D 409 -0.09 -25.71 -21.70
N ASP D 410 0.53 -25.75 -22.89
CA ASP D 410 1.68 -24.93 -23.16
C ASP D 410 1.32 -23.45 -23.12
N TYR D 411 0.15 -23.11 -23.64
CA TYR D 411 -0.29 -21.75 -23.65
C TYR D 411 -0.39 -21.22 -22.27
N ASN D 412 -1.01 -21.96 -21.37
CA ASN D 412 -1.14 -21.41 -20.07
C ASN D 412 0.17 -21.29 -19.34
N LYS D 413 1.12 -22.16 -19.57
CA LYS D 413 2.38 -22.01 -18.87
C LYS D 413 3.09 -20.70 -19.21
N HIS D 414 3.00 -20.25 -20.45
CA HIS D 414 3.72 -19.05 -20.83
C HIS D 414 2.97 -17.78 -20.58
N MET D 415 1.79 -17.86 -20.00
CA MET D 415 1.09 -16.65 -19.72
C MET D 415 1.19 -16.29 -18.28
N LYS D 416 2.01 -17.01 -17.51
CA LYS D 416 2.18 -16.68 -16.11
C LYS D 416 3.64 -16.55 -15.78
N GLY D 417 3.96 -15.76 -14.75
CA GLY D 417 5.36 -15.54 -14.44
C GLY D 417 5.88 -14.46 -15.38
N VAL D 418 4.94 -13.62 -15.81
CA VAL D 418 5.13 -12.54 -16.76
C VAL D 418 4.58 -11.25 -16.22
N ASP D 419 4.97 -10.16 -16.85
CA ASP D 419 4.46 -8.84 -16.53
C ASP D 419 4.63 -8.55 -15.06
N ARG D 420 5.79 -8.93 -14.58
CA ARG D 420 6.07 -8.74 -13.20
C ARG D 420 6.17 -7.28 -12.86
N ALA D 421 6.50 -6.42 -13.80
CA ALA D 421 6.56 -5.03 -13.47
C ALA D 421 5.22 -4.51 -13.00
N ASP D 422 4.13 -5.04 -13.53
CA ASP D 422 2.82 -4.49 -13.18
C ASP D 422 2.42 -5.02 -11.86
N GLN D 423 2.95 -6.14 -11.50
CA GLN D 423 2.61 -6.76 -10.25
C GLN D 423 3.07 -5.95 -9.06
N TYR D 424 3.99 -5.03 -9.25
CA TYR D 424 4.48 -4.27 -8.11
C TYR D 424 3.98 -2.87 -8.06
N LEU D 425 3.01 -2.52 -8.88
CA LEU D 425 2.56 -1.15 -8.93
C LEU D 425 1.89 -0.66 -7.71
N SER D 426 1.38 -1.55 -6.89
CA SER D 426 0.70 -1.17 -5.69
C SER D 426 1.63 -0.50 -4.71
N TYR D 427 2.92 -0.63 -4.95
CA TYR D 427 3.95 -0.02 -4.14
C TYR D 427 3.79 1.50 -4.03
N TYR D 428 3.53 2.19 -5.14
CA TYR D 428 3.50 3.65 -5.13
C TYR D 428 2.11 4.18 -4.87
N SER D 429 1.58 3.89 -3.69
CA SER D 429 0.18 4.19 -3.38
C SER D 429 -0.16 5.68 -3.22
N ILE D 430 0.84 6.49 -3.00
CA ILE D 430 0.69 7.91 -2.80
C ILE D 430 0.27 8.62 -4.08
N LEU D 431 0.40 7.95 -5.22
CA LEU D 431 0.11 8.55 -6.49
C LEU D 431 -1.31 8.40 -6.96
N ARG D 432 -2.15 7.81 -6.14
CA ARG D 432 -3.53 7.65 -6.53
C ARG D 432 -4.50 8.80 -6.37
N ARG D 433 -4.50 9.53 -5.25
CA ARG D 433 -5.66 10.44 -5.09
C ARG D 433 -5.66 11.84 -5.64
N THR D 434 -4.62 12.58 -5.47
CA THR D 434 -4.66 13.97 -5.87
C THR D 434 -3.48 14.27 -6.68
N VAL D 435 -3.50 13.78 -7.86
CA VAL D 435 -2.36 13.88 -8.67
C VAL D 435 -2.80 14.32 -10.02
N LYS D 436 -2.00 15.11 -10.67
CA LYS D 436 -2.29 15.51 -12.01
C LYS D 436 -2.08 14.34 -12.95
N TRP D 437 -2.85 14.33 -14.01
CA TRP D 437 -2.71 13.29 -14.99
C TRP D 437 -1.29 12.99 -15.43
N THR D 438 -0.49 13.99 -15.72
CA THR D 438 0.82 13.67 -16.23
C THR D 438 1.80 13.14 -15.22
N LYS D 439 1.57 13.40 -13.95
CA LYS D 439 2.54 12.88 -13.00
C LYS D 439 2.39 11.39 -12.86
N ARG D 440 1.14 10.92 -12.90
CA ARG D 440 0.93 9.49 -12.76
C ARG D 440 1.54 8.71 -13.87
N LEU D 441 1.42 9.23 -15.06
CA LEU D 441 1.95 8.48 -16.14
C LEU D 441 3.46 8.45 -16.08
N ALA D 442 4.10 9.57 -15.73
CA ALA D 442 5.55 9.56 -15.68
C ALA D 442 6.05 8.57 -14.66
N MET D 443 5.36 8.42 -13.54
CA MET D 443 5.78 7.45 -12.53
C MET D 443 5.67 6.02 -12.98
N TYR D 444 4.70 5.70 -13.82
CA TYR D 444 4.59 4.34 -14.31
C TYR D 444 5.83 4.03 -15.06
N MET D 445 6.23 4.95 -15.90
CA MET D 445 7.38 4.70 -16.71
C MET D 445 8.67 4.57 -15.90
N ILE D 446 8.81 5.34 -14.83
CA ILE D 446 10.00 5.21 -14.01
C ILE D 446 10.03 3.85 -13.35
N ASN D 447 8.88 3.38 -12.83
CA ASN D 447 8.84 2.06 -12.20
C ASN D 447 9.22 0.96 -13.17
N CYS D 448 8.81 1.10 -14.41
CA CYS D 448 9.13 0.09 -15.39
C CYS D 448 10.61 0.05 -15.61
N ALA D 449 11.26 1.20 -15.65
CA ALA D 449 12.68 1.20 -15.80
C ALA D 449 13.38 0.57 -14.62
N LEU D 450 12.90 0.78 -13.41
CA LEU D 450 13.54 0.15 -12.27
C LEU D 450 13.35 -1.34 -12.31
N PHE D 451 12.19 -1.79 -12.77
CA PHE D 451 11.95 -3.21 -12.89
C PHE D 451 12.90 -3.83 -13.85
N ASN D 452 13.08 -3.22 -15.00
CA ASN D 452 14.01 -3.83 -15.90
C ASN D 452 15.42 -3.86 -15.35
N SER D 453 15.81 -2.85 -14.59
CA SER D 453 17.15 -2.85 -14.04
C SER D 453 17.35 -4.03 -13.12
N TYR D 454 16.35 -4.29 -12.29
CA TYR D 454 16.35 -5.44 -11.38
C TYR D 454 16.46 -6.75 -12.08
N ALA D 455 15.65 -6.95 -13.11
CA ALA D 455 15.68 -8.20 -13.81
C ALA D 455 17.03 -8.48 -14.42
N VAL D 456 17.68 -7.45 -14.92
CA VAL D 456 18.98 -7.65 -15.48
C VAL D 456 19.97 -7.96 -14.41
N TYR D 457 19.92 -7.23 -13.33
CA TYR D 457 20.86 -7.46 -12.27
C TYR D 457 20.87 -8.88 -11.81
N LYS D 458 19.68 -9.38 -11.54
CA LYS D 458 19.49 -10.72 -11.07
C LYS D 458 19.89 -11.79 -12.07
N SER D 459 19.66 -11.53 -13.35
CA SER D 459 19.95 -12.50 -14.38
C SER D 459 21.41 -12.61 -14.70
N VAL D 460 22.15 -11.53 -14.51
CA VAL D 460 23.56 -11.56 -14.78
C VAL D 460 24.31 -12.17 -13.62
N ARG D 461 23.98 -11.75 -12.41
CA ARG D 461 24.64 -12.29 -11.25
C ARG D 461 23.64 -12.96 -10.36
N GLN D 462 23.60 -14.27 -10.36
CA GLN D 462 22.57 -14.92 -9.59
C GLN D 462 22.81 -14.71 -8.11
N ARG D 463 21.77 -14.22 -7.45
CA ARG D 463 21.74 -13.87 -6.05
C ARG D 463 20.30 -13.91 -5.65
N LYS D 464 20.02 -13.92 -4.37
CA LYS D 464 18.62 -13.82 -4.00
C LYS D 464 18.34 -12.47 -3.36
N MET D 465 17.32 -11.78 -3.87
CA MET D 465 16.93 -10.48 -3.33
C MET D 465 15.46 -10.18 -3.29
N GLY D 466 14.89 -10.04 -4.46
CA GLY D 466 13.51 -9.61 -4.62
C GLY D 466 13.44 -8.16 -5.04
N PHE D 467 12.41 -7.82 -5.81
CA PHE D 467 12.26 -6.45 -6.32
C PHE D 467 12.06 -5.48 -5.21
N LYS D 468 11.44 -5.92 -4.15
CA LYS D 468 11.20 -5.03 -3.07
C LYS D 468 12.49 -4.48 -2.45
N MET D 469 13.56 -5.29 -2.37
CA MET D 469 14.79 -4.82 -1.75
C MET D 469 15.62 -4.05 -2.72
N PHE D 470 15.46 -4.36 -3.96
CA PHE D 470 16.19 -3.64 -4.94
C PHE D 470 15.79 -2.20 -4.87
N LEU D 471 14.48 -1.95 -4.77
CA LEU D 471 14.01 -0.57 -4.70
C LEU D 471 14.43 0.16 -3.44
N LYS D 472 14.40 -0.52 -2.28
CA LYS D 472 14.83 0.18 -1.09
C LYS D 472 16.26 0.60 -1.17
N GLN D 473 17.11 -0.29 -1.62
CA GLN D 473 18.49 0.06 -1.69
C GLN D 473 18.75 1.15 -2.70
N THR D 474 18.04 1.12 -3.82
CA THR D 474 18.27 2.13 -4.82
C THR D 474 17.97 3.49 -4.27
N ALA D 475 16.88 3.61 -3.52
CA ALA D 475 16.56 4.92 -2.99
C ALA D 475 17.65 5.44 -2.07
N ILE D 476 18.28 4.56 -1.28
CA ILE D 476 19.31 5.04 -0.36
C ILE D 476 20.49 5.52 -1.11
N HIS D 477 20.82 4.81 -2.14
CA HIS D 477 21.91 5.29 -2.94
C HIS D 477 21.65 6.67 -3.50
N TRP D 478 20.49 6.90 -4.11
CA TRP D 478 20.24 8.21 -4.70
C TRP D 478 20.23 9.33 -3.69
N LEU D 479 19.80 9.03 -2.48
CA LEU D 479 19.70 10.03 -1.44
C LEU D 479 20.99 10.33 -0.75
N THR D 480 22.08 9.65 -1.09
CA THR D 480 23.30 9.89 -0.36
C THR D 480 24.31 10.73 -1.11
N ASP D 481 24.75 11.82 -0.49
CA ASP D 481 25.75 12.69 -1.10
C ASP D 481 27.15 12.23 -0.78
N ASP D 482 27.56 11.16 -1.44
CA ASP D 482 28.86 10.54 -1.14
C ASP D 482 30.01 11.04 -2.00
N ILE D 483 29.76 12.08 -2.77
CA ILE D 483 30.79 12.63 -3.61
C ILE D 483 31.41 13.86 -2.93
N PRO D 484 32.71 13.84 -2.62
CA PRO D 484 33.43 14.90 -1.98
C PRO D 484 33.60 16.01 -2.99
N GLU D 485 33.80 17.25 -2.53
CA GLU D 485 34.07 18.41 -3.40
C GLU D 485 35.34 18.18 -4.26
N SER D 500 59.08 32.70 22.21
CA SER D 500 60.18 33.48 21.63
C SER D 500 60.29 34.94 22.16
N GLY D 501 59.67 35.24 23.32
CA GLY D 501 59.67 36.56 23.96
C GLY D 501 58.75 36.55 25.16
N MET D 502 58.63 37.72 25.81
CA MET D 502 57.77 37.83 26.99
C MET D 502 56.32 37.67 26.61
N ARG D 503 55.98 38.03 25.39
CA ARG D 503 54.64 37.78 24.94
C ARG D 503 54.70 36.38 24.34
N ALA D 504 54.01 35.41 24.94
CA ALA D 504 54.05 34.08 24.42
C ALA D 504 53.48 34.13 23.03
N LYS D 505 52.51 35.01 22.83
CA LYS D 505 51.95 35.19 21.51
C LYS D 505 51.31 36.57 21.33
N PRO D 506 51.61 37.33 20.26
CA PRO D 506 50.93 38.55 19.98
C PRO D 506 49.49 38.22 19.54
N PRO D 507 48.44 38.82 20.11
CA PRO D 507 47.06 38.74 19.68
C PRO D 507 46.97 39.39 18.32
N THR D 508 46.06 38.96 17.47
CA THR D 508 45.91 39.59 16.15
C THR D 508 44.48 39.93 15.87
N SER D 509 44.27 40.64 14.76
CA SER D 509 42.96 40.96 14.27
C SER D 509 42.35 39.71 13.65
N ASP D 510 41.04 39.80 13.40
CA ASP D 510 40.22 38.77 12.81
C ASP D 510 40.56 38.60 11.32
N PRO D 511 40.99 37.43 10.85
CA PRO D 511 41.42 37.18 9.51
C PRO D 511 40.25 37.18 8.53
N PRO D 512 40.52 37.38 7.24
CA PRO D 512 39.56 37.39 6.14
C PRO D 512 38.95 36.02 5.88
N CYS D 513 39.58 34.98 6.39
CA CYS D 513 39.16 33.62 6.20
C CYS D 513 38.19 33.22 7.26
N ARG D 514 37.87 34.12 8.16
CA ARG D 514 37.06 33.80 9.29
C ARG D 514 35.76 33.16 8.90
N LEU D 515 35.15 33.60 7.82
CA LEU D 515 33.88 33.02 7.44
C LEU D 515 33.97 32.05 6.29
N SER D 516 35.16 31.49 6.01
CA SER D 516 35.33 30.37 5.07
C SER D 516 34.81 29.08 5.72
N MET D 517 33.66 28.57 5.25
CA MET D 517 32.98 27.43 5.85
C MET D 517 33.54 26.10 5.33
N ASP D 518 34.58 25.57 5.99
CA ASP D 518 35.18 24.28 5.61
C ASP D 518 35.78 23.52 6.81
N MET D 519 35.13 22.41 7.17
CA MET D 519 35.55 21.52 8.24
C MET D 519 36.92 20.88 8.00
N ARG D 520 37.38 20.82 6.73
CA ARG D 520 38.73 20.35 6.39
C ARG D 520 39.84 21.31 6.82
N LYS D 521 39.53 22.58 7.14
CA LYS D 521 40.54 23.54 7.44
C LYS D 521 40.40 24.06 8.84
N HIS D 522 39.21 24.45 9.28
CA HIS D 522 39.05 24.98 10.64
C HIS D 522 38.93 23.82 11.64
N THR D 523 40.06 23.17 11.89
CA THR D 523 40.27 22.10 12.87
C THR D 523 40.81 22.64 14.20
N LEU D 524 40.72 21.83 15.25
CA LEU D 524 41.09 22.21 16.62
C LEU D 524 42.40 21.54 17.08
N GLN D 525 43.37 22.29 17.64
CA GLN D 525 44.58 21.66 18.22
C GLN D 525 44.98 22.29 19.55
N ALA D 526 45.67 21.53 20.39
CA ALA D 526 46.12 22.06 21.68
C ALA D 526 47.20 23.07 21.52
N ILE D 527 47.22 24.02 22.42
CA ILE D 527 48.23 25.06 22.49
C ILE D 527 49.48 24.61 23.22
N VAL D 528 50.62 24.84 22.60
CA VAL D 528 51.89 24.46 23.17
C VAL D 528 52.71 25.70 23.48
N GLY D 529 53.16 25.80 24.72
CA GLY D 529 53.92 26.97 25.19
C GLY D 529 55.40 27.00 24.87
N SER D 530 56.03 28.10 25.29
CA SER D 530 57.45 28.36 25.09
C SER D 530 58.26 28.39 26.37
N GLY D 531 57.60 28.37 27.50
CA GLY D 531 58.30 28.48 28.75
C GLY D 531 58.60 27.11 29.30
N LYS D 532 58.89 27.07 30.58
CA LYS D 532 59.22 25.81 31.22
C LYS D 532 58.02 24.87 31.17
N LYS D 533 56.83 25.43 31.34
CA LYS D 533 55.59 24.68 31.33
C LYS D 533 54.98 24.77 29.95
N LYS D 534 54.88 23.63 29.29
CA LYS D 534 54.36 23.64 27.94
C LYS D 534 52.87 23.58 27.91
N ASN D 535 52.28 23.13 29.00
CA ASN D 535 50.84 23.01 29.07
C ASN D 535 50.26 24.34 29.48
N ILE D 536 50.33 25.26 28.53
CA ILE D 536 49.96 26.66 28.67
C ILE D 536 48.55 26.94 28.23
N LEU D 537 47.84 27.73 29.03
CA LEU D 537 46.49 28.14 28.71
C LEU D 537 46.48 29.61 28.32
N ARG D 538 45.60 29.98 27.40
CA ARG D 538 45.51 31.37 26.96
C ARG D 538 44.07 31.89 26.92
N ARG D 539 43.91 33.18 27.02
CA ARG D 539 42.58 33.75 26.98
C ARG D 539 41.91 33.63 25.62
N CYS D 540 40.64 33.27 25.63
CA CYS D 540 39.82 33.16 24.42
C CYS D 540 39.45 34.50 23.80
N ARG D 541 39.59 34.61 22.46
CA ARG D 541 39.27 35.88 21.81
C ARG D 541 37.82 36.24 21.88
N VAL D 542 36.97 35.27 21.78
CA VAL D 542 35.56 35.55 21.81
C VAL D 542 35.20 36.08 23.17
N CYS D 543 35.76 35.49 24.20
CA CYS D 543 35.45 35.96 25.53
C CYS D 543 35.97 37.37 25.76
N SER D 544 37.10 37.70 25.14
CA SER D 544 37.67 39.04 25.28
C SER D 544 36.68 40.09 24.80
N VAL D 545 35.95 39.76 23.76
CA VAL D 545 34.97 40.65 23.17
C VAL D 545 33.93 41.11 24.17
N HIS D 546 33.58 40.25 25.10
CA HIS D 546 32.57 40.53 26.07
C HIS D 546 33.18 40.90 27.40
N LYS D 547 34.48 41.17 27.38
CA LYS D 547 35.26 41.51 28.54
C LYS D 547 35.23 40.42 29.58
N LEU D 548 35.29 39.18 29.15
CA LEU D 548 35.30 38.08 30.06
C LEU D 548 36.68 37.45 30.10
N ARG D 549 37.09 36.94 31.26
CA ARG D 549 38.35 36.21 31.32
C ARG D 549 38.10 34.74 31.48
N SER D 550 38.44 33.98 30.46
CA SER D 550 38.30 32.53 30.47
C SER D 550 39.37 31.99 29.54
N GLU D 551 40.06 30.96 30.01
CA GLU D 551 41.16 30.41 29.25
C GLU D 551 40.81 29.14 28.53
N THR D 552 41.55 28.89 27.48
CA THR D 552 41.41 27.68 26.72
C THR D 552 42.72 27.07 26.40
N ARG D 553 42.72 25.76 26.23
CA ARG D 553 43.92 25.07 25.81
C ARG D 553 43.95 24.83 24.34
N TYR D 554 42.96 25.29 23.59
CA TYR D 554 42.84 24.94 22.20
C TYR D 554 42.88 26.20 21.34
N MET D 555 43.47 26.05 20.18
CA MET D 555 43.54 27.10 19.19
C MET D 555 43.14 26.63 17.82
N CYS D 556 42.54 27.51 17.06
CA CYS D 556 42.26 27.09 15.70
C CYS D 556 43.53 26.91 14.97
N LYS D 557 43.61 25.83 14.25
CA LYS D 557 44.80 25.53 13.51
C LYS D 557 44.96 26.35 12.25
N PHE D 558 43.86 26.69 11.60
CA PHE D 558 43.94 27.41 10.34
C PHE D 558 44.45 28.81 10.55
N CYS D 559 43.92 29.43 11.58
CA CYS D 559 44.25 30.77 11.94
C CYS D 559 44.50 30.73 13.39
N ASN D 560 45.51 31.41 13.84
CA ASN D 560 45.92 31.21 15.21
C ASN D 560 45.24 32.02 16.26
N ILE D 561 44.04 31.64 16.54
CA ILE D 561 43.20 32.30 17.51
C ILE D 561 42.78 31.35 18.61
N PRO D 562 43.06 31.62 19.89
CA PRO D 562 42.68 30.77 20.98
C PRO D 562 41.17 30.81 21.10
N LEU D 563 40.59 29.63 21.19
CA LEU D 563 39.13 29.46 21.25
C LEU D 563 38.68 28.37 22.20
N HIS D 564 37.58 28.55 22.86
CA HIS D 564 37.07 27.44 23.61
C HIS D 564 36.54 26.43 22.65
N LYS D 565 36.63 25.15 23.05
CA LYS D 565 35.94 24.01 22.43
C LYS D 565 34.42 24.12 22.59
N GLY D 566 33.65 23.56 21.66
CA GLY D 566 32.20 23.75 21.61
C GLY D 566 31.81 25.06 20.94
N ALA D 567 30.82 25.79 21.50
CA ALA D 567 30.18 26.84 20.77
C ALA D 567 31.08 27.99 20.39
N CYS D 568 32.05 28.35 21.19
CA CYS D 568 32.83 29.49 20.76
C CYS D 568 33.52 29.25 19.46
N PHE D 569 34.02 28.04 19.22
CA PHE D 569 34.74 27.73 17.98
C PHE D 569 33.79 27.73 16.78
N GLU D 570 32.59 27.22 17.01
CA GLU D 570 31.50 27.25 16.05
C GLU D 570 31.05 28.69 15.77
N LYS D 571 30.88 29.56 16.77
CA LYS D 571 30.41 30.91 16.54
C LYS D 571 31.43 31.75 15.85
N TYR D 572 32.67 31.61 16.25
CA TYR D 572 33.70 32.43 15.67
C TYR D 572 33.73 32.17 14.19
N HIS D 573 33.68 30.90 13.75
CA HIS D 573 33.75 30.58 12.32
C HIS D 573 32.40 30.70 11.59
N THR D 574 31.26 30.74 12.28
CA THR D 574 29.94 30.76 11.65
C THR D 574 29.30 32.14 11.56
N LEU D 575 29.41 32.99 12.60
CA LEU D 575 28.59 34.20 12.66
C LEU D 575 29.24 35.48 12.15
N LYS D 576 28.39 36.41 11.66
CA LYS D 576 28.87 37.72 11.20
C LYS D 576 29.35 38.61 12.36
N ASN D 577 28.89 38.28 13.57
CA ASN D 577 29.23 39.00 14.79
C ASN D 577 29.27 37.93 15.87
N TYR D 578 29.60 38.28 17.13
CA TYR D 578 29.80 37.32 18.25
C TYR D 578 30.17 38.02 19.55
#